data_5KPN
#
_entry.id   5KPN
#
_cell.length_a   48.430
_cell.length_b   92.370
_cell.length_c   164.010
_cell.angle_alpha   90.00
_cell.angle_beta   90.00
_cell.angle_gamma   90.00
#
_symmetry.space_group_name_H-M   'P 21 21 21'
#
loop_
_entity.id
_entity.type
_entity.pdbx_description
1 polymer 'Poly [ADP-ribose] polymerase 1'
2 non-polymer 1-[[4-fluoranyl-3-(3-oxidanylidene-4-propyl-piperazin-1-yl)carbonyl-phenyl]methyl]quinazoline-2,4-dione
#
_entity_poly.entity_id   1
_entity_poly.type   'polypeptide(L)'
_entity_poly.pdbx_seq_one_letter_code
;HMKSKLPKPVQDLIKMIFDVESMKKAMVEYEIDLQKMPLGKLSKRQIQAAYSILSEVQQAVSQGSSDSQILDLSNRFYTL
IPHDFGMKKPPLLNNADSVQAKAEMLDNLLDIEVAYSLLRGGSDDSSKDPIDVNYEKLKTDIKVVDRDSEEAEIIRKYVK
NTHATTHNAYDLEVIDIFKIEREGECQRYKPFKQLHNRRLLWHGSRTTNFAGILSQGLRIAPPEAPVTGYMFGKGIYFAD
MVSKSANYCHTSQGDPIGLILLGEVALGNMYELKHASHISKLPKGKHSVKGLGKTTPDPSANISLDGVDVPLGTGISSGV
NDTSLLYNEYIVYDIAQVNLKYLLKLKFNFKT
;
_entity_poly.pdbx_strand_id   A,B
#
# COMPACT_ATOMS: atom_id res chain seq x y z
N HIS A 1 -41.62 30.84 20.04
CA HIS A 1 -41.71 29.38 20.33
C HIS A 1 -41.47 29.06 21.81
N MET A 2 -41.76 27.82 22.20
CA MET A 2 -41.71 27.39 23.61
C MET A 2 -40.30 27.36 24.26
N LYS A 3 -39.24 27.61 23.48
CA LYS A 3 -37.90 28.06 23.99
C LYS A 3 -36.85 26.95 24.35
N SER A 4 -37.28 25.69 24.46
CA SER A 4 -36.36 24.50 24.61
C SER A 4 -35.78 24.32 26.00
N LYS A 5 -36.06 23.15 26.58
CA LYS A 5 -35.60 22.83 27.94
C LYS A 5 -34.22 22.17 27.97
N LEU A 6 -33.65 21.88 26.80
CA LEU A 6 -32.33 21.26 26.71
C LEU A 6 -31.27 22.10 27.43
N PRO A 7 -30.32 21.43 28.09
CA PRO A 7 -29.15 22.13 28.64
C PRO A 7 -28.47 23.01 27.60
N LYS A 8 -27.99 24.18 28.04
CA LYS A 8 -27.36 25.16 27.13
C LYS A 8 -26.20 24.55 26.32
N PRO A 9 -25.31 23.78 26.98
CA PRO A 9 -24.26 23.07 26.23
C PRO A 9 -24.83 22.20 25.10
N VAL A 10 -25.94 21.51 25.34
CA VAL A 10 -26.57 20.69 24.30
C VAL A 10 -27.14 21.55 23.18
N GLN A 11 -27.75 22.68 23.53
CA GLN A 11 -28.23 23.64 22.51
C GLN A 11 -27.11 24.23 21.63
N ASP A 12 -25.96 24.56 22.21
CA ASP A 12 -24.85 25.11 21.42
C ASP A 12 -24.22 24.03 20.54
N LEU A 13 -24.17 22.80 21.03
CA LEU A 13 -23.76 21.67 20.19
C LEU A 13 -24.64 21.56 18.92
N ILE A 14 -25.96 21.57 19.10
CA ILE A 14 -26.91 21.46 17.99
C ILE A 14 -26.77 22.63 16.98
N LYS A 15 -26.63 23.86 17.50
CA LYS A 15 -26.32 25.06 16.66
C LYS A 15 -25.09 24.85 15.79
N MET A 16 -23.98 24.43 16.42
CA MET A 16 -22.72 24.18 15.71
C MET A 16 -22.89 23.21 14.55
N ILE A 17 -23.41 22.03 14.87
CA ILE A 17 -23.34 20.93 13.90
C ILE A 17 -24.35 21.07 12.77
N PHE A 18 -25.44 21.78 12.99
CA PHE A 18 -26.41 22.03 11.91
C PHE A 18 -26.24 23.38 11.21
N ASP A 19 -25.13 24.08 11.44
CA ASP A 19 -24.89 25.36 10.81
C ASP A 19 -24.65 25.27 9.30
N VAL A 20 -25.59 25.81 8.52
CA VAL A 20 -25.54 25.77 7.05
C VAL A 20 -24.34 26.53 6.48
N GLU A 21 -23.99 27.66 7.10
CA GLU A 21 -22.84 28.44 6.62
C GLU A 21 -21.52 27.69 6.83
N SER A 22 -21.41 26.95 7.92
CA SER A 22 -20.22 26.12 8.16
C SER A 22 -20.07 25.03 7.12
N MET A 23 -21.19 24.40 6.76
CA MET A 23 -21.21 23.39 5.69
C MET A 23 -20.68 24.00 4.39
N LYS A 24 -21.18 25.18 4.02
CA LYS A 24 -20.71 25.86 2.82
C LYS A 24 -19.21 26.20 2.92
N LYS A 25 -18.80 26.72 4.07
CA LYS A 25 -17.40 27.06 4.29
C LYS A 25 -16.49 25.85 4.06
N ALA A 26 -16.89 24.68 4.57
CA ALA A 26 -16.12 23.48 4.34
C ALA A 26 -16.01 23.17 2.83
N MET A 27 -17.13 23.27 2.12
CA MET A 27 -17.15 23.01 0.69
C MET A 27 -16.22 23.93 -0.09
N VAL A 28 -16.21 25.23 0.20
CA VAL A 28 -15.30 26.12 -0.55
C VAL A 28 -13.83 25.87 -0.15
N GLU A 29 -13.58 25.51 1.11
CA GLU A 29 -12.28 24.96 1.52
C GLU A 29 -11.76 23.80 0.70
N TYR A 30 -12.67 23.01 0.13
CA TYR A 30 -12.31 21.93 -0.79
C TYR A 30 -12.29 22.35 -2.25
N GLU A 31 -12.47 23.65 -2.51
CA GLU A 31 -12.45 24.27 -3.84
C GLU A 31 -13.63 23.88 -4.72
N ILE A 32 -14.74 23.48 -4.11
CA ILE A 32 -15.98 23.24 -4.83
C ILE A 32 -16.63 24.58 -5.22
N ASP A 33 -17.14 24.62 -6.43
CA ASP A 33 -17.90 25.74 -6.94
C ASP A 33 -19.35 25.66 -6.47
N LEU A 34 -19.72 26.48 -5.47
CA LEU A 34 -21.10 26.50 -4.92
C LEU A 34 -22.18 27.04 -5.85
N GLN A 35 -21.78 27.86 -6.81
CA GLN A 35 -22.66 28.23 -7.93
C GLN A 35 -23.09 27.00 -8.72
N LYS A 36 -22.15 26.08 -8.97
CA LYS A 36 -22.44 24.89 -9.80
C LYS A 36 -22.90 23.69 -8.98
N MET A 37 -22.30 23.48 -7.81
CA MET A 37 -22.66 22.40 -6.93
C MET A 37 -23.00 23.01 -5.56
N PRO A 38 -24.18 23.63 -5.45
CA PRO A 38 -24.57 24.15 -4.14
C PRO A 38 -24.91 23.03 -3.18
N LEU A 39 -24.98 23.42 -1.93
CA LEU A 39 -25.25 22.51 -0.85
C LEU A 39 -26.52 21.68 -1.11
N GLY A 40 -27.58 22.32 -1.60
CA GLY A 40 -28.86 21.63 -1.90
C GLY A 40 -28.92 20.68 -3.09
N LYS A 41 -27.96 20.78 -4.01
CA LYS A 41 -27.90 19.89 -5.19
C LYS A 41 -26.97 18.70 -4.96
N LEU A 42 -26.35 18.65 -3.79
CA LEU A 42 -25.52 17.54 -3.38
C LEU A 42 -26.40 16.32 -3.25
N SER A 43 -25.93 15.17 -3.76
CA SER A 43 -26.65 13.89 -3.59
C SER A 43 -25.72 12.67 -3.56
N LYS A 44 -26.23 11.57 -3.03
CA LYS A 44 -25.43 10.34 -2.85
C LYS A 44 -24.95 9.73 -4.14
N ARG A 45 -25.79 9.71 -5.18
CA ARG A 45 -25.41 9.11 -6.47
C ARG A 45 -24.33 9.95 -7.18
N GLN A 46 -24.36 11.27 -7.00
CA GLN A 46 -23.31 12.16 -7.56
C GLN A 46 -21.97 11.96 -6.84
N ILE A 47 -22.02 11.81 -5.52
CA ILE A 47 -20.82 11.55 -4.73
C ILE A 47 -20.25 10.17 -5.09
N GLN A 48 -21.12 9.17 -5.22
CA GLN A 48 -20.69 7.80 -5.56
C GLN A 48 -20.10 7.71 -6.98
N ALA A 49 -20.73 8.38 -7.93
CA ALA A 49 -20.20 8.43 -9.28
C ALA A 49 -18.82 9.09 -9.31
N ALA A 50 -18.65 10.12 -8.51
CA ALA A 50 -17.34 10.78 -8.36
C ALA A 50 -16.31 9.85 -7.75
N TYR A 51 -16.70 9.15 -6.70
CA TYR A 51 -15.85 8.10 -6.14
C TYR A 51 -15.35 7.12 -7.23
N SER A 52 -16.24 6.69 -8.12
CA SER A 52 -15.87 5.74 -9.16
C SER A 52 -14.81 6.28 -10.11
N ILE A 53 -14.97 7.53 -10.54
CA ILE A 53 -14.00 8.15 -11.41
C ILE A 53 -12.65 8.22 -10.69
N LEU A 54 -12.69 8.53 -9.41
CA LEU A 54 -11.49 8.51 -8.59
C LEU A 54 -10.88 7.12 -8.52
N SER A 55 -11.69 6.07 -8.52
CA SER A 55 -11.21 4.68 -8.66
C SER A 55 -10.60 4.42 -10.07
N GLU A 56 -11.18 5.03 -11.10
CA GLU A 56 -10.56 5.02 -12.44
C GLU A 56 -9.22 5.71 -12.46
N VAL A 57 -9.14 6.90 -11.86
CA VAL A 57 -7.87 7.64 -11.77
C VAL A 57 -6.82 6.78 -11.02
N GLN A 58 -7.22 6.17 -9.91
CA GLN A 58 -6.37 5.21 -9.15
C GLN A 58 -5.79 4.08 -10.01
N GLN A 59 -6.62 3.52 -10.88
CA GLN A 59 -6.24 2.45 -11.80
C GLN A 59 -5.15 2.96 -12.75
N ALA A 60 -5.43 4.08 -13.43
CA ALA A 60 -4.48 4.66 -14.38
C ALA A 60 -3.13 5.05 -13.75
N VAL A 61 -3.15 5.49 -12.49
CA VAL A 61 -1.92 5.82 -11.75
C VAL A 61 -1.10 4.57 -11.39
N SER A 62 -1.75 3.55 -10.85
CA SER A 62 -1.12 2.26 -10.50
C SER A 62 -0.35 1.61 -11.67
N GLN A 63 -0.85 1.79 -12.90
CA GLN A 63 -0.17 1.30 -14.11
C GLN A 63 0.48 2.40 -14.98
N GLY A 64 0.88 3.53 -14.36
CA GLY A 64 1.53 4.64 -15.09
C GLY A 64 0.80 5.07 -16.35
N SER A 66 0.17 7.60 -18.24
CA SER A 66 0.56 8.73 -19.06
C SER A 66 -0.22 9.97 -18.60
N ASP A 67 0.44 11.14 -18.56
CA ASP A 67 -0.29 12.43 -18.42
C ASP A 67 -1.23 12.69 -19.61
N SER A 68 -0.98 12.03 -20.74
CA SER A 68 -1.95 11.94 -21.84
C SER A 68 -3.26 11.27 -21.42
N GLN A 69 -3.23 9.98 -21.10
CA GLN A 69 -4.47 9.25 -20.78
C GLN A 69 -5.01 9.56 -19.38
N ILE A 70 -4.18 10.09 -18.49
CA ILE A 70 -4.67 10.54 -17.19
C ILE A 70 -5.62 11.72 -17.36
N LEU A 71 -5.26 12.68 -18.24
CA LEU A 71 -6.05 13.92 -18.47
C LEU A 71 -7.54 13.70 -18.58
N ASP A 72 -7.94 12.67 -19.33
CA ASP A 72 -9.35 12.39 -19.56
C ASP A 72 -10.06 11.99 -18.28
N LEU A 73 -9.41 11.15 -17.46
CA LEU A 73 -10.01 10.66 -16.21
C LEU A 73 -10.15 11.79 -15.20
N SER A 74 -9.10 12.61 -15.11
CA SER A 74 -9.07 13.79 -14.25
C SER A 74 -10.23 14.76 -14.53
N ASN A 75 -10.40 15.08 -15.81
CA ASN A 75 -11.49 15.92 -16.27
C ASN A 75 -12.88 15.35 -15.95
N ARG A 76 -13.02 14.03 -16.06
CA ARG A 76 -14.27 13.37 -15.73
C ARG A 76 -14.62 13.55 -14.27
N PHE A 77 -13.60 13.56 -13.42
CA PHE A 77 -13.81 13.80 -12.00
C PHE A 77 -14.38 15.18 -11.81
N TYR A 78 -13.71 16.19 -12.37
CA TYR A 78 -14.15 17.60 -12.26
C TYR A 78 -15.49 17.90 -12.89
N THR A 79 -15.86 17.11 -13.89
CA THR A 79 -17.18 17.16 -14.47
C THR A 79 -18.28 16.81 -13.44
N LEU A 80 -18.06 15.76 -12.64
CA LEU A 80 -19.04 15.31 -11.65
C LEU A 80 -19.10 16.16 -10.36
N ILE A 81 -17.96 16.68 -9.91
CA ILE A 81 -17.92 17.60 -8.77
C ILE A 81 -17.26 18.89 -9.23
N PRO A 82 -18.07 19.90 -9.61
CA PRO A 82 -17.54 21.19 -10.12
C PRO A 82 -16.66 21.91 -9.10
N HIS A 83 -15.47 22.26 -9.55
CA HIS A 83 -14.51 23.00 -8.74
C HIS A 83 -14.42 24.46 -9.18
N ASP A 84 -13.89 25.28 -8.28
CA ASP A 84 -13.92 26.74 -8.44
C ASP A 84 -12.59 27.21 -9.03
N PHE A 85 -12.50 27.15 -10.35
CA PHE A 85 -11.26 27.51 -11.03
C PHE A 85 -11.44 28.56 -12.16
N GLY A 86 -12.60 29.23 -12.22
CA GLY A 86 -12.83 30.29 -13.22
C GLY A 86 -12.90 29.77 -14.65
N MET A 87 -12.09 30.33 -15.56
CA MET A 87 -11.88 29.78 -16.93
C MET A 87 -10.54 29.07 -17.10
N LYS A 88 -9.95 28.71 -15.96
CA LYS A 88 -9.23 27.45 -15.68
C LYS A 88 -8.28 26.74 -16.67
N LYS A 89 -8.59 25.48 -16.96
CA LYS A 89 -7.70 24.32 -16.83
C LYS A 89 -7.37 24.09 -15.35
N PRO A 90 -8.10 23.14 -14.70
CA PRO A 90 -7.85 22.78 -13.31
C PRO A 90 -6.60 21.92 -13.20
N PRO A 91 -6.07 21.73 -11.96
CA PRO A 91 -4.85 20.94 -11.84
C PRO A 91 -5.12 19.47 -12.13
N LEU A 92 -4.12 18.80 -12.72
CA LEU A 92 -4.24 17.41 -13.14
C LEU A 92 -4.22 16.50 -11.93
N LEU A 93 -5.10 15.51 -11.89
CA LEU A 93 -5.09 14.52 -10.82
C LEU A 93 -4.33 13.29 -11.34
N ASN A 94 -3.03 13.27 -11.08
CA ASN A 94 -2.13 12.30 -11.71
C ASN A 94 -1.30 11.47 -10.74
N ASN A 95 -1.59 11.57 -9.44
CA ASN A 95 -0.83 10.81 -8.45
C ASN A 95 -1.70 10.31 -7.29
N ALA A 96 -1.05 9.52 -6.43
CA ALA A 96 -1.66 8.96 -5.24
C ALA A 96 -2.14 10.03 -4.25
N ASP A 97 -1.40 11.15 -4.16
CA ASP A 97 -1.80 12.26 -3.27
C ASP A 97 -3.11 12.92 -3.69
N SER A 98 -3.26 13.13 -4.99
CA SER A 98 -4.51 13.61 -5.57
C SER A 98 -5.68 12.69 -5.22
N VAL A 99 -5.47 11.39 -5.28
CA VAL A 99 -6.53 10.42 -4.99
C VAL A 99 -6.93 10.43 -3.50
N GLN A 100 -5.92 10.48 -2.62
CA GLN A 100 -6.17 10.52 -1.19
C GLN A 100 -6.94 11.79 -0.86
N ALA A 101 -6.45 12.93 -1.35
CA ALA A 101 -7.07 14.21 -1.07
C ALA A 101 -8.52 14.32 -1.57
N LYS A 102 -8.81 13.81 -2.76
CA LYS A 102 -10.18 13.86 -3.28
C LYS A 102 -11.12 12.86 -2.61
N ALA A 103 -10.61 11.70 -2.22
CA ALA A 103 -11.42 10.71 -1.51
C ALA A 103 -11.88 11.24 -0.15
N GLU A 104 -10.94 11.89 0.55
CA GLU A 104 -11.23 12.59 1.81
C GLU A 104 -12.29 13.69 1.67
N MET A 105 -12.20 14.50 0.62
CA MET A 105 -13.24 15.47 0.33
C MET A 105 -14.60 14.77 0.14
N LEU A 106 -14.64 13.70 -0.64
CA LEU A 106 -15.93 13.02 -0.89
C LEU A 106 -16.49 12.38 0.38
N ASP A 107 -15.61 11.88 1.26
CA ASP A 107 -16.03 11.39 2.58
C ASP A 107 -16.79 12.46 3.35
N ASN A 108 -16.24 13.67 3.35
CA ASN A 108 -16.86 14.79 4.01
C ASN A 108 -18.21 15.16 3.37
N LEU A 109 -18.28 15.15 2.03
CA LEU A 109 -19.50 15.48 1.32
C LEU A 109 -20.61 14.51 1.66
N LEU A 110 -20.26 13.23 1.84
CA LEU A 110 -21.23 12.24 2.31
C LEU A 110 -21.90 12.64 3.63
N ASP A 111 -21.07 13.09 4.58
CA ASP A 111 -21.60 13.54 5.87
C ASP A 111 -22.37 14.85 5.77
N ILE A 112 -21.88 15.80 4.99
CA ILE A 112 -22.60 17.05 4.77
C ILE A 112 -23.96 16.81 4.10
N GLU A 113 -24.03 15.92 3.11
CA GLU A 113 -25.31 15.59 2.48
C GLU A 113 -26.31 15.02 3.49
N VAL A 114 -25.86 14.13 4.39
CA VAL A 114 -26.77 13.64 5.44
C VAL A 114 -27.31 14.81 6.30
N ALA A 115 -26.39 15.65 6.80
CA ALA A 115 -26.81 16.80 7.61
C ALA A 115 -27.86 17.65 6.89
N TYR A 116 -27.58 18.00 5.64
CA TYR A 116 -28.51 18.86 4.90
C TYR A 116 -29.85 18.17 4.59
N SER A 117 -29.82 16.86 4.32
CA SER A 117 -31.07 16.08 4.10
C SER A 117 -31.94 15.97 5.35
N LEU A 118 -31.35 15.96 6.53
CA LEU A 118 -32.15 16.04 7.76
C LEU A 118 -32.82 17.41 7.85
N LEU A 119 -32.05 18.45 7.60
CA LEU A 119 -32.55 19.84 7.56
C LEU A 119 -33.69 20.06 6.56
N ARG A 120 -33.59 19.52 5.36
CA ARG A 120 -34.64 19.70 4.34
C ARG A 120 -35.72 18.58 4.31
N GLY A 121 -35.48 17.47 4.99
CA GLY A 121 -36.53 16.50 5.22
C GLY A 121 -37.39 17.08 6.33
N GLY A 122 -38.27 16.28 6.88
CA GLY A 122 -38.99 16.76 8.06
C GLY A 122 -40.02 17.87 7.84
N SER A 123 -40.53 18.34 8.96
CA SER A 123 -41.68 19.21 9.02
C SER A 123 -41.30 20.59 9.50
N ASP A 124 -42.21 21.53 9.29
CA ASP A 124 -42.04 22.92 9.65
C ASP A 124 -43.16 23.31 10.63
N ASP A 125 -42.78 23.65 11.85
CA ASP A 125 -43.71 24.08 12.89
C ASP A 125 -43.06 25.23 13.65
N SER A 126 -43.50 26.46 13.35
CA SER A 126 -42.99 27.70 13.99
C SER A 126 -43.03 27.72 15.51
N SER A 127 -43.97 26.98 16.09
CA SER A 127 -44.18 26.96 17.52
C SER A 127 -43.23 26.01 18.24
N LYS A 128 -42.34 25.32 17.51
CA LYS A 128 -41.28 24.54 18.16
C LYS A 128 -39.97 25.26 18.02
N ASP A 129 -39.13 25.12 19.02
CA ASP A 129 -37.79 25.66 18.95
C ASP A 129 -37.04 24.79 17.95
N PRO A 130 -36.50 25.39 16.87
CA PRO A 130 -35.72 24.59 15.92
C PRO A 130 -34.58 23.76 16.55
N ILE A 131 -34.07 24.20 17.72
CA ILE A 131 -33.04 23.47 18.45
C ILE A 131 -33.56 22.09 18.86
N ASP A 132 -34.77 22.06 19.42
CA ASP A 132 -35.42 20.81 19.79
C ASP A 132 -35.71 19.96 18.55
N VAL A 133 -36.19 20.61 17.47
CA VAL A 133 -36.52 19.96 16.21
C VAL A 133 -35.26 19.29 15.62
N ASN A 134 -34.15 20.01 15.57
CA ASN A 134 -32.94 19.46 14.99
C ASN A 134 -32.32 18.39 15.89
N TYR A 135 -32.42 18.58 17.20
CA TYR A 135 -31.99 17.58 18.15
C TYR A 135 -32.64 16.25 17.88
N GLU A 136 -33.97 16.24 17.72
CA GLU A 136 -34.72 14.97 17.53
C GLU A 136 -34.25 14.23 16.28
N LYS A 137 -33.84 14.98 15.27
CA LYS A 137 -33.35 14.41 14.03
C LYS A 137 -32.10 13.56 14.17
N LEU A 138 -31.31 13.80 15.22
CA LEU A 138 -30.10 13.03 15.47
C LEU A 138 -30.37 11.62 16.00
N LYS A 139 -31.56 11.38 16.53
CA LYS A 139 -31.90 10.07 17.12
C LYS A 139 -30.78 9.58 18.06
N THR A 140 -30.28 10.49 18.89
CA THR A 140 -29.15 10.27 19.73
C THR A 140 -29.46 10.93 21.07
N ASP A 141 -29.42 10.16 22.14
CA ASP A 141 -29.56 10.73 23.48
C ASP A 141 -28.26 11.46 23.81
N ILE A 142 -28.34 12.73 24.17
CA ILE A 142 -27.15 13.54 24.52
C ILE A 142 -27.35 14.20 25.88
N LYS A 143 -26.55 13.81 26.85
CA LYS A 143 -26.59 14.36 28.21
C LYS A 143 -25.26 15.06 28.47
N VAL A 144 -25.27 16.03 29.38
CA VAL A 144 -24.03 16.70 29.83
C VAL A 144 -23.42 15.90 30.99
N VAL A 145 -22.15 15.53 30.85
CA VAL A 145 -21.45 14.82 31.92
C VAL A 145 -21.00 15.87 32.92
N ASP A 146 -21.21 15.56 34.19
CA ASP A 146 -20.94 16.47 35.30
C ASP A 146 -19.42 16.67 35.48
N ARG A 147 -18.96 17.93 35.54
CA ARG A 147 -17.53 18.25 35.68
C ARG A 147 -16.82 17.49 36.81
N ASP A 148 -17.54 17.23 37.92
CA ASP A 148 -16.96 16.60 39.12
C ASP A 148 -17.07 15.08 39.19
N SER A 149 -17.78 14.46 38.26
CA SER A 149 -17.84 13.00 38.21
C SER A 149 -16.47 12.35 37.95
N GLU A 150 -16.39 11.05 38.22
CA GLU A 150 -15.20 10.26 37.96
C GLU A 150 -14.96 10.12 36.47
N GLU A 151 -16.03 9.93 35.70
CA GLU A 151 -15.88 9.75 34.26
C GLU A 151 -15.30 11.03 33.63
N ALA A 152 -15.73 12.20 34.10
CA ALA A 152 -15.14 13.48 33.67
C ALA A 152 -13.65 13.62 33.97
N GLU A 153 -13.23 13.17 35.16
CA GLU A 153 -11.82 13.18 35.58
C GLU A 153 -10.93 12.31 34.66
N ILE A 154 -11.38 11.08 34.41
CA ILE A 154 -10.71 10.11 33.54
C ILE A 154 -10.58 10.65 32.11
N ILE A 155 -11.68 11.19 31.59
CA ILE A 155 -11.68 11.79 30.27
C ILE A 155 -10.70 12.95 30.20
N ARG A 156 -10.76 13.89 31.14
CA ARG A 156 -9.83 15.03 31.14
C ARG A 156 -8.38 14.59 31.25
N LYS A 157 -8.12 13.53 32.02
CA LYS A 157 -6.80 12.94 32.08
C LYS A 157 -6.34 12.34 30.75
N TYR A 158 -7.26 11.72 30.01
CA TYR A 158 -6.97 11.14 28.70
C TYR A 158 -6.48 12.23 27.75
N VAL A 159 -7.22 13.33 27.75
CA VAL A 159 -6.87 14.53 27.00
C VAL A 159 -5.54 15.11 27.46
N LYS A 160 -5.38 15.25 28.77
CA LYS A 160 -4.20 15.88 29.39
C LYS A 160 -2.89 15.11 29.12
N ASN A 161 -2.98 13.78 29.03
CA ASN A 161 -1.79 12.93 29.00
C ASN A 161 -1.33 12.52 27.59
N THR A 162 -2.20 12.60 26.58
CA THR A 162 -1.91 11.99 25.28
C THR A 162 -1.79 12.99 24.13
N HIS A 163 -1.36 14.21 24.44
CA HIS A 163 -1.11 15.25 23.45
C HIS A 163 0.37 15.10 23.02
N ALA A 164 0.59 14.74 21.76
CA ALA A 164 1.92 14.40 21.28
C ALA A 164 2.78 15.64 21.19
N THR A 165 4.05 15.54 21.55
CA THR A 165 5.00 16.66 21.45
C THR A 165 5.05 17.26 20.02
N THR A 166 4.98 16.42 18.99
CA THR A 166 5.00 16.89 17.60
C THR A 166 3.70 17.65 17.14
N HIS A 167 2.69 17.69 17.99
CA HIS A 167 1.47 18.42 17.74
C HIS A 167 1.36 19.60 18.72
N ASN A 168 2.52 20.12 19.14
CA ASN A 168 2.57 21.15 20.19
C ASN A 168 2.35 22.60 19.70
N ALA A 169 2.02 22.77 18.42
CA ALA A 169 1.60 24.06 17.89
C ALA A 169 0.25 24.54 18.45
N TYR A 170 -0.46 23.67 19.19
CA TYR A 170 -1.67 24.06 19.88
C TYR A 170 -1.79 23.21 21.14
N ASP A 171 -2.59 23.67 22.10
CA ASP A 171 -3.06 22.79 23.17
C ASP A 171 -4.59 22.86 23.29
N LEU A 172 -5.13 21.94 24.09
CA LEU A 172 -6.55 21.67 24.18
C LEU A 172 -7.11 21.92 25.56
N GLU A 173 -8.21 22.67 25.63
CA GLU A 173 -9.07 22.60 26.82
C GLU A 173 -10.40 21.99 26.44
N VAL A 174 -10.93 21.24 27.38
CA VAL A 174 -12.22 20.60 27.27
C VAL A 174 -13.24 21.62 27.75
N ILE A 175 -14.17 22.02 26.89
CA ILE A 175 -15.28 22.91 27.29
C ILE A 175 -16.46 22.09 27.83
N ASP A 176 -16.96 21.14 27.04
CA ASP A 176 -18.09 20.31 27.49
C ASP A 176 -17.80 18.86 27.18
N ILE A 177 -18.23 17.98 28.08
CA ILE A 177 -18.24 16.55 27.86
C ILE A 177 -19.71 16.11 27.80
N PHE A 178 -20.08 15.42 26.73
CA PHE A 178 -21.41 14.82 26.57
C PHE A 178 -21.34 13.28 26.56
N LYS A 179 -22.33 12.64 27.17
CA LYS A 179 -22.54 11.21 27.05
C LYS A 179 -23.56 11.06 25.94
N ILE A 180 -23.26 10.19 24.98
CA ILE A 180 -24.12 10.01 23.80
C ILE A 180 -24.48 8.55 23.60
N GLU A 181 -25.66 8.35 23.06
CA GLU A 181 -26.25 7.04 22.88
C GLU A 181 -27.06 7.14 21.59
N ARG A 182 -26.45 6.67 20.51
CA ARG A 182 -27.12 6.64 19.22
C ARG A 182 -28.16 5.51 19.24
N GLU A 183 -29.36 5.81 18.75
CA GLU A 183 -30.44 4.84 18.76
C GLU A 183 -30.07 3.54 18.02
N GLY A 184 -30.20 2.40 18.71
CA GLY A 184 -29.92 1.09 18.15
C GLY A 184 -28.47 0.64 18.14
N GLU A 185 -27.54 1.50 18.55
CA GLU A 185 -26.11 1.19 18.39
C GLU A 185 -25.64 0.17 19.42
N CYS A 186 -26.11 0.33 20.65
CA CYS A 186 -25.87 -0.67 21.70
C CYS A 186 -26.38 -2.07 21.29
N GLN A 187 -27.54 -2.11 20.64
CA GLN A 187 -28.14 -3.36 20.16
C GLN A 187 -27.25 -3.95 19.05
N ARG A 188 -26.83 -3.12 18.12
CA ARG A 188 -25.91 -3.55 17.02
C ARG A 188 -24.56 -4.12 17.51
N TYR A 189 -24.07 -3.53 18.60
CA TYR A 189 -22.80 -3.86 19.24
C TYR A 189 -22.78 -5.17 20.07
N LYS A 190 -23.96 -5.71 20.36
CA LYS A 190 -24.10 -6.87 21.25
C LYS A 190 -23.11 -8.05 21.00
N PRO A 191 -22.98 -8.51 19.74
CA PRO A 191 -22.00 -9.56 19.42
C PRO A 191 -20.55 -9.29 19.88
N PHE A 192 -20.14 -8.02 19.94
CA PHE A 192 -18.78 -7.66 20.27
C PHE A 192 -18.62 -7.11 21.67
N LYS A 193 -19.70 -7.03 22.45
CA LYS A 193 -19.64 -6.33 23.73
C LYS A 193 -18.76 -7.03 24.77
N GLN A 194 -18.50 -8.33 24.58
CA GLN A 194 -17.64 -9.10 25.51
C GLN A 194 -16.30 -9.52 24.88
N LEU A 195 -16.02 -9.04 23.67
CA LEU A 195 -14.80 -9.42 22.96
C LEU A 195 -13.62 -8.87 23.74
N HIS A 196 -12.51 -9.59 23.74
CA HIS A 196 -11.26 -9.08 24.36
C HIS A 196 -10.75 -7.89 23.58
N ASN A 197 -9.89 -7.12 24.25
CA ASN A 197 -9.27 -5.96 23.66
C ASN A 197 -10.33 -4.92 23.16
N ARG A 198 -11.21 -4.53 24.09
CA ARG A 198 -12.11 -3.41 23.87
C ARG A 198 -11.43 -2.17 24.43
N ARG A 199 -11.34 -1.13 23.61
CA ARG A 199 -10.57 0.05 23.99
C ARG A 199 -11.33 1.33 23.70
N LEU A 200 -11.25 2.28 24.63
CA LEU A 200 -11.85 3.59 24.47
C LEU A 200 -10.83 4.44 23.72
N LEU A 201 -11.21 4.89 22.52
CA LEU A 201 -10.29 5.56 21.61
C LEU A 201 -10.95 6.78 20.99
N TRP A 202 -10.09 7.66 20.46
CA TRP A 202 -10.49 8.94 19.89
C TRP A 202 -10.85 8.84 18.42
N HIS A 203 -11.78 9.67 17.98
CA HIS A 203 -12.05 9.89 16.58
C HIS A 203 -12.46 11.35 16.40
N GLY A 204 -11.59 12.09 15.73
CA GLY A 204 -11.80 13.49 15.47
C GLY A 204 -12.36 13.65 14.08
N SER A 205 -13.15 14.69 13.88
CA SER A 205 -13.63 15.03 12.54
C SER A 205 -14.05 16.46 12.58
N ARG A 206 -14.29 17.01 11.41
CA ARG A 206 -14.72 18.40 11.42
C ARG A 206 -16.16 18.50 11.85
N THR A 207 -16.47 19.65 12.43
CA THR A 207 -17.76 19.86 13.08
C THR A 207 -18.91 19.70 12.07
N THR A 208 -18.65 19.99 10.81
CA THR A 208 -19.62 19.82 9.74
C THR A 208 -19.95 18.35 9.37
N ASN A 209 -19.24 17.38 9.95
CA ASN A 209 -19.55 15.97 9.79
C ASN A 209 -20.40 15.38 10.91
N PHE A 210 -20.53 16.09 12.04
CA PHE A 210 -21.10 15.46 13.24
C PHE A 210 -22.59 15.12 13.23
N ALA A 211 -23.35 15.86 12.44
CA ALA A 211 -24.76 15.55 12.33
C ALA A 211 -24.89 14.21 11.63
N GLY A 212 -24.13 14.05 10.54
CA GLY A 212 -23.98 12.78 9.84
C GLY A 212 -23.55 11.66 10.76
N ILE A 213 -22.50 11.89 11.54
CA ILE A 213 -21.98 10.86 12.45
C ILE A 213 -23.00 10.46 13.51
N LEU A 214 -23.66 11.43 14.11
CA LEU A 214 -24.59 11.12 15.16
C LEU A 214 -25.86 10.47 14.59
N SER A 215 -26.30 10.81 13.39
CA SER A 215 -27.50 10.16 12.86
C SER A 215 -27.19 8.81 12.25
N GLN A 216 -26.10 8.72 11.49
CA GLN A 216 -25.80 7.49 10.76
C GLN A 216 -24.72 6.60 11.39
N GLY A 217 -23.98 7.12 12.38
CA GLY A 217 -22.85 6.42 12.97
C GLY A 217 -21.62 6.62 12.10
N LEU A 218 -20.47 6.29 12.68
CA LEU A 218 -19.25 6.11 11.90
C LEU A 218 -19.48 4.94 10.97
N ARG A 219 -19.01 5.08 9.73
CA ARG A 219 -19.44 4.27 8.58
C ARG A 219 -18.24 3.85 7.70
N ILE A 220 -18.47 2.89 6.84
CA ILE A 220 -17.45 2.44 5.91
C ILE A 220 -17.69 3.16 4.59
N ALA A 221 -16.62 3.70 3.99
CA ALA A 221 -16.74 4.36 2.68
C ALA A 221 -17.27 3.34 1.65
N PRO A 222 -18.12 3.80 0.70
CA PRO A 222 -18.79 2.83 -0.19
C PRO A 222 -17.88 2.02 -1.15
N PRO A 223 -18.45 0.96 -1.79
CA PRO A 223 -17.75 0.18 -2.82
C PRO A 223 -16.98 1.02 -3.86
N GLU A 224 -17.60 2.12 -4.31
CA GLU A 224 -17.03 3.00 -5.36
C GLU A 224 -15.75 3.74 -4.98
N ALA A 225 -15.60 4.01 -3.69
CA ALA A 225 -14.45 4.71 -3.17
C ALA A 225 -13.12 3.96 -3.41
N PRO A 226 -12.06 4.67 -3.80
CA PRO A 226 -10.77 4.06 -4.07
C PRO A 226 -10.08 3.59 -2.78
N VAL A 227 -9.93 2.27 -2.63
CA VAL A 227 -9.34 1.67 -1.46
C VAL A 227 -7.93 2.25 -1.15
N THR A 228 -7.21 2.55 -2.22
CA THR A 228 -5.90 3.18 -2.22
C THR A 228 -5.88 4.58 -1.59
N GLY A 229 -7.04 5.24 -1.55
CA GLY A 229 -7.19 6.51 -0.84
C GLY A 229 -7.11 6.46 0.67
N TYR A 230 -7.13 5.25 1.25
CA TYR A 230 -7.12 5.06 2.69
C TYR A 230 -5.96 4.12 3.04
N MET A 231 -5.12 4.56 3.96
CA MET A 231 -3.88 3.89 4.30
C MET A 231 -4.01 2.42 4.67
N PHE A 232 -5.09 2.06 5.34
CA PHE A 232 -5.34 0.68 5.74
C PHE A 232 -6.68 0.22 5.14
N GLY A 233 -7.01 0.79 3.99
CA GLY A 233 -8.27 0.50 3.31
C GLY A 233 -9.45 1.14 3.99
N LYS A 234 -10.64 0.70 3.60
CA LYS A 234 -11.89 1.36 3.93
C LYS A 234 -12.47 0.79 5.22
N GLY A 235 -12.25 1.51 6.30
CA GLY A 235 -12.69 1.08 7.64
C GLY A 235 -12.97 2.32 8.44
N ILE A 236 -13.10 2.16 9.75
CA ILE A 236 -13.35 3.27 10.69
C ILE A 236 -12.08 3.40 11.51
N TYR A 237 -11.46 4.58 11.48
CA TYR A 237 -10.14 4.83 12.06
C TYR A 237 -10.25 5.54 13.42
N PHE A 238 -9.44 5.08 14.39
CA PHE A 238 -9.36 5.71 15.72
C PHE A 238 -7.91 5.91 16.13
N ALA A 239 -7.67 6.81 17.11
CA ALA A 239 -6.34 6.96 17.70
C ALA A 239 -6.38 6.84 19.22
N ASP A 240 -5.23 6.54 19.83
CA ASP A 240 -5.06 6.55 21.29
C ASP A 240 -4.39 7.81 21.82
N MET A 241 -3.95 8.69 20.92
CA MET A 241 -3.39 10.01 21.23
C MET A 241 -4.42 11.08 20.81
N VAL A 242 -4.91 11.87 21.76
CA VAL A 242 -5.98 12.88 21.50
C VAL A 242 -5.61 13.88 20.40
N SER A 243 -4.34 14.27 20.35
CA SER A 243 -3.86 15.26 19.39
C SER A 243 -3.83 14.71 17.98
N LYS A 244 -3.51 13.42 17.84
CA LYS A 244 -3.59 12.78 16.52
C LYS A 244 -5.03 12.85 15.99
N SER A 245 -6.02 12.57 16.83
CA SER A 245 -7.43 12.71 16.39
C SER A 245 -7.83 14.17 16.23
N ALA A 246 -7.39 15.04 17.14
CA ALA A 246 -7.77 16.44 17.11
C ALA A 246 -7.30 17.16 15.85
N ASN A 247 -6.19 16.69 15.26
CA ASN A 247 -5.72 17.26 13.97
C ASN A 247 -6.78 17.13 12.89
N TYR A 248 -7.62 16.08 12.97
CA TYR A 248 -8.69 15.87 11.98
C TYR A 248 -9.89 16.81 12.16
N CYS A 249 -9.99 17.52 13.29
CA CYS A 249 -11.00 18.58 13.44
C CYS A 249 -10.80 19.73 12.43
N HIS A 250 -9.56 19.96 12.00
CA HIS A 250 -9.22 21.04 11.07
C HIS A 250 -9.63 22.43 11.59
N THR A 251 -9.44 22.62 12.89
CA THR A 251 -9.60 23.92 13.54
C THR A 251 -8.47 24.84 13.10
N SER A 252 -8.58 26.12 13.43
CA SER A 252 -7.55 27.09 13.04
C SER A 252 -7.75 28.32 13.87
N GLN A 253 -6.94 29.34 13.62
CA GLN A 253 -7.10 30.65 14.25
C GLN A 253 -8.40 31.30 13.80
N GLY A 254 -8.87 31.09 12.57
CA GLY A 254 -10.17 31.66 12.13
C GLY A 254 -11.53 30.95 12.47
N ASP A 255 -11.53 29.90 13.40
CA ASP A 255 -12.68 28.94 14.02
C ASP A 255 -12.03 27.80 14.93
N PRO A 256 -11.85 28.08 16.25
CA PRO A 256 -11.00 27.23 17.08
C PRO A 256 -11.68 26.20 17.94
N ILE A 257 -12.98 26.03 17.75
CA ILE A 257 -13.79 25.13 18.53
C ILE A 257 -13.94 23.88 17.69
N GLY A 258 -13.56 22.73 18.23
CA GLY A 258 -13.76 21.44 17.57
C GLY A 258 -14.50 20.43 18.41
N LEU A 259 -14.79 19.30 17.77
CA LEU A 259 -15.54 18.19 18.36
C LEU A 259 -14.76 16.91 18.14
N ILE A 260 -14.71 16.08 19.16
CA ILE A 260 -14.03 14.81 19.10
C ILE A 260 -14.82 13.75 19.86
N LEU A 261 -14.82 12.54 19.32
CA LEU A 261 -15.51 11.39 19.91
C LEU A 261 -14.60 10.49 20.71
N LEU A 262 -15.19 9.84 21.71
CA LEU A 262 -14.60 8.66 22.33
C LEU A 262 -15.52 7.52 22.09
N GLY A 263 -15.07 6.50 21.38
CA GLY A 263 -15.87 5.30 21.16
C GLY A 263 -15.24 4.10 21.83
N GLU A 264 -16.09 3.18 22.28
CA GLU A 264 -15.63 1.85 22.70
C GLU A 264 -15.44 1.03 21.43
N VAL A 265 -14.20 0.61 21.18
CA VAL A 265 -13.89 -0.13 19.97
C VAL A 265 -13.48 -1.56 20.28
N ALA A 266 -14.17 -2.52 19.63
CA ALA A 266 -13.91 -3.95 19.83
C ALA A 266 -12.85 -4.42 18.84
N LEU A 267 -11.60 -4.46 19.31
CA LEU A 267 -10.45 -4.70 18.46
C LEU A 267 -10.05 -6.16 18.35
N GLY A 268 -10.26 -6.91 19.44
CA GLY A 268 -9.95 -8.31 19.51
C GLY A 268 -8.53 -8.59 19.05
N ASN A 269 -8.41 -9.55 18.15
CA ASN A 269 -7.14 -9.93 17.57
C ASN A 269 -6.73 -8.98 16.46
N MET A 270 -5.70 -8.20 16.77
CA MET A 270 -5.23 -7.12 15.92
C MET A 270 -4.25 -7.68 14.91
N TYR A 271 -4.47 -7.30 13.65
CA TYR A 271 -3.51 -7.47 12.56
C TYR A 271 -2.61 -6.25 12.60
N GLU A 272 -1.35 -6.49 12.98
CA GLU A 272 -0.43 -5.40 13.30
C GLU A 272 0.39 -5.06 12.08
N LEU A 273 0.36 -3.80 11.67
CA LEU A 273 1.04 -3.37 10.45
C LEU A 273 1.87 -2.15 10.68
N LYS A 274 2.97 -2.06 9.94
CA LYS A 274 3.90 -0.93 10.00
C LYS A 274 3.72 0.05 8.85
N HIS A 275 3.20 -0.45 7.73
CA HIS A 275 3.13 0.35 6.54
C HIS A 275 1.78 0.20 5.88
N ALA A 276 1.53 1.07 4.91
CA ALA A 276 0.29 1.10 4.18
C ALA A 276 -0.06 -0.30 3.67
N SER A 277 -1.31 -0.69 3.86
CA SER A 277 -1.85 -1.89 3.27
C SER A 277 -3.31 -1.63 2.89
N HIS A 278 -3.62 -1.54 1.61
CA HIS A 278 -4.96 -1.13 1.19
C HIS A 278 -5.83 -2.36 1.04
N ILE A 279 -6.18 -2.96 2.17
CA ILE A 279 -6.91 -4.21 2.20
C ILE A 279 -8.43 -3.96 2.13
N SER A 280 -9.15 -4.91 1.56
CA SER A 280 -10.62 -4.90 1.58
C SER A 280 -11.25 -5.98 2.48
N LYS A 281 -10.41 -6.83 3.05
CA LYS A 281 -10.82 -7.75 4.11
C LYS A 281 -9.64 -8.06 5.03
N LEU A 282 -9.93 -8.37 6.29
CA LEU A 282 -8.92 -8.82 7.25
C LEU A 282 -8.50 -10.25 6.97
N PRO A 283 -7.24 -10.59 7.28
CA PRO A 283 -6.90 -12.01 7.35
C PRO A 283 -7.85 -12.77 8.29
N LYS A 284 -8.10 -14.02 7.95
CA LYS A 284 -8.94 -14.89 8.76
C LYS A 284 -8.48 -14.91 10.23
N GLY A 285 -9.45 -14.78 11.14
CA GLY A 285 -9.19 -14.77 12.56
C GLY A 285 -8.90 -13.39 13.18
N LYS A 286 -8.58 -12.38 12.36
CA LYS A 286 -8.35 -11.01 12.88
C LYS A 286 -9.63 -10.18 12.89
N HIS A 287 -9.78 -9.31 13.88
CA HIS A 287 -10.93 -8.41 13.95
C HIS A 287 -10.63 -6.93 13.66
N SER A 288 -9.36 -6.54 13.65
CA SER A 288 -8.98 -5.14 13.49
C SER A 288 -7.60 -5.03 12.91
N VAL A 289 -7.26 -3.84 12.40
CA VAL A 289 -5.87 -3.53 12.11
C VAL A 289 -5.36 -2.56 13.16
N LYS A 290 -4.17 -2.82 13.68
CA LYS A 290 -3.43 -1.84 14.46
C LYS A 290 -2.24 -1.35 13.65
N GLY A 291 -2.26 -0.08 13.29
CA GLY A 291 -1.14 0.59 12.64
C GLY A 291 -0.13 0.93 13.73
N LEU A 292 1.06 0.37 13.65
CA LEU A 292 2.00 0.39 14.78
C LEU A 292 2.74 1.71 14.88
N GLY A 293 2.46 2.48 15.92
CA GLY A 293 3.23 3.67 16.21
C GLY A 293 4.60 3.46 16.85
N LYS A 294 5.54 4.34 16.52
CA LYS A 294 6.82 4.46 17.21
C LYS A 294 6.60 4.84 18.68
N THR A 295 5.53 5.60 18.95
CA THR A 295 5.16 5.98 20.31
C THR A 295 3.78 5.42 20.70
N THR A 296 3.63 5.03 21.97
CA THR A 296 2.37 4.52 22.49
C THR A 296 2.15 5.08 23.89
N PRO A 297 0.87 5.28 24.32
CA PRO A 297 0.51 5.52 25.72
C PRO A 297 1.11 4.44 26.60
N ASP A 298 1.71 4.84 27.72
CA ASP A 298 2.41 3.90 28.57
C ASP A 298 1.45 2.77 29.01
N PRO A 299 1.64 1.54 28.49
CA PRO A 299 0.66 0.45 28.77
C PRO A 299 0.48 0.11 30.26
N SER A 300 1.43 0.49 31.09
CA SER A 300 1.30 0.29 32.52
C SER A 300 0.29 1.27 33.17
N ALA A 301 -0.02 2.39 32.52
CA ALA A 301 -0.98 3.37 33.06
C ALA A 301 -2.42 3.23 32.54
N ASN A 302 -2.70 2.14 31.81
CA ASN A 302 -4.08 1.77 31.41
C ASN A 302 -5.03 1.66 32.60
N ILE A 303 -6.18 2.30 32.45
CA ILE A 303 -7.17 2.37 33.50
C ILE A 303 -8.48 1.88 32.87
N SER A 304 -9.43 1.47 33.72
CA SER A 304 -10.71 0.91 33.27
C SER A 304 -11.87 1.87 33.53
N LEU A 305 -12.75 2.04 32.54
CA LEU A 305 -13.92 2.90 32.66
C LEU A 305 -15.15 2.13 32.17
N ASP A 306 -16.00 1.69 33.10
CA ASP A 306 -17.20 0.85 32.79
C ASP A 306 -16.79 -0.41 32.03
N GLY A 307 -15.73 -1.05 32.53
CA GLY A 307 -15.17 -2.27 31.94
C GLY A 307 -14.43 -2.14 30.60
N VAL A 308 -14.10 -0.92 30.18
CA VAL A 308 -13.39 -0.70 28.91
C VAL A 308 -11.99 -0.10 29.20
N ASP A 309 -10.94 -0.63 28.59
CA ASP A 309 -9.57 -0.09 28.81
C ASP A 309 -9.45 1.31 28.19
N VAL A 310 -8.88 2.22 28.98
CA VAL A 310 -8.60 3.59 28.56
C VAL A 310 -7.09 3.77 28.57
N PRO A 311 -6.47 3.85 27.36
CA PRO A 311 -5.01 3.96 27.29
C PRO A 311 -4.55 5.38 27.49
N LEU A 312 -4.63 5.88 28.73
CA LEU A 312 -4.39 7.29 28.99
C LEU A 312 -2.99 7.62 29.51
N GLY A 313 -2.04 6.70 29.40
CA GLY A 313 -0.67 7.00 29.85
C GLY A 313 0.02 8.02 28.98
N THR A 314 1.02 8.71 29.53
CA THR A 314 1.89 9.56 28.70
C THR A 314 2.60 8.72 27.64
N GLY A 315 2.92 9.36 26.51
CA GLY A 315 3.59 8.69 25.43
C GLY A 315 5.04 8.26 25.73
N ILE A 316 5.30 6.96 25.55
CA ILE A 316 6.65 6.38 25.56
C ILE A 316 6.95 5.64 24.24
N SER A 317 8.19 5.21 24.11
CA SER A 317 8.62 4.41 22.99
C SER A 317 7.89 3.05 23.00
N SER A 318 7.34 2.65 21.84
CA SER A 318 6.70 1.33 21.66
C SER A 318 7.70 0.17 21.50
N GLY A 319 8.86 0.47 20.92
CA GLY A 319 9.88 -0.50 20.60
C GLY A 319 9.83 -0.92 19.13
N VAL A 320 8.79 -0.52 18.40
CA VAL A 320 8.63 -0.90 17.00
C VAL A 320 9.60 -0.05 16.19
N ASN A 321 10.27 -0.65 15.21
CA ASN A 321 11.42 -0.01 14.59
C ASN A 321 11.17 0.77 13.32
N ASP A 322 10.86 0.10 12.24
CA ASP A 322 10.87 0.77 10.95
C ASP A 322 9.43 0.94 10.54
N THR A 323 8.74 1.81 11.26
CA THR A 323 7.33 2.02 11.04
C THR A 323 7.12 3.34 10.34
N SER A 324 6.09 3.41 9.49
CA SER A 324 5.60 4.66 8.89
C SER A 324 4.86 5.55 9.87
N LEU A 325 4.53 5.05 11.05
CA LEU A 325 3.60 5.75 11.92
C LEU A 325 4.31 6.22 13.14
N LEU A 326 4.22 7.52 13.41
CA LEU A 326 4.71 8.10 14.65
C LEU A 326 3.87 7.67 15.84
N TYR A 327 2.55 7.48 15.62
CA TYR A 327 1.64 7.02 16.67
C TYR A 327 0.68 5.96 16.17
N ASN A 328 0.07 5.28 17.13
CA ASN A 328 -0.86 4.21 16.86
C ASN A 328 -2.10 4.65 16.10
N GLU A 329 -2.70 3.65 15.47
CA GLU A 329 -3.88 3.83 14.69
C GLU A 329 -4.62 2.53 14.77
N TYR A 330 -5.94 2.58 14.89
CA TYR A 330 -6.76 1.40 14.98
C TYR A 330 -7.86 1.43 13.97
N ILE A 331 -8.02 0.34 13.22
CA ILE A 331 -9.05 0.28 12.21
C ILE A 331 -9.97 -0.95 12.34
N VAL A 332 -11.27 -0.70 12.29
CA VAL A 332 -12.26 -1.78 12.17
C VAL A 332 -13.05 -1.67 10.85
N TYR A 333 -13.55 -2.82 10.42
CA TYR A 333 -14.10 -2.99 9.09
C TYR A 333 -15.53 -3.48 9.13
N ASP A 334 -16.14 -3.40 10.31
CA ASP A 334 -17.53 -3.75 10.49
C ASP A 334 -18.08 -2.69 11.42
N ILE A 335 -19.12 -1.97 10.99
CA ILE A 335 -19.70 -0.87 11.78
C ILE A 335 -20.20 -1.27 13.15
N ALA A 336 -20.57 -2.53 13.29
CA ALA A 336 -21.04 -3.08 14.55
C ALA A 336 -19.99 -3.19 15.63
N GLN A 337 -18.72 -2.96 15.29
CA GLN A 337 -17.60 -3.04 16.27
C GLN A 337 -17.35 -1.71 16.99
N VAL A 338 -18.21 -0.72 16.77
CA VAL A 338 -18.12 0.59 17.39
C VAL A 338 -19.38 0.92 18.20
N ASN A 339 -19.20 1.32 19.45
CA ASN A 339 -20.27 1.89 20.24
C ASN A 339 -19.80 3.27 20.76
N LEU A 340 -20.37 4.34 20.23
CA LEU A 340 -19.94 5.69 20.57
C LEU A 340 -20.39 6.03 22.00
N LYS A 341 -19.46 6.56 22.79
CA LYS A 341 -19.68 6.73 24.23
C LYS A 341 -19.67 8.20 24.65
N TYR A 342 -18.74 9.00 24.13
CA TYR A 342 -18.72 10.42 24.45
C TYR A 342 -18.42 11.32 23.29
N LEU A 343 -18.73 12.59 23.51
CA LEU A 343 -18.49 13.66 22.56
C LEU A 343 -17.98 14.86 23.37
N LEU A 344 -16.78 15.31 23.00
CA LEU A 344 -16.13 16.46 23.64
C LEU A 344 -16.14 17.65 22.71
N LYS A 345 -16.46 18.81 23.28
CA LYS A 345 -16.22 20.08 22.62
C LYS A 345 -14.91 20.66 23.12
N LEU A 346 -14.06 21.02 22.19
CA LEU A 346 -12.69 21.43 22.49
C LEU A 346 -12.36 22.86 22.09
N LYS A 347 -11.59 23.49 22.96
CA LYS A 347 -11.03 24.81 22.72
C LYS A 347 -9.56 24.51 22.29
N PHE A 348 -9.16 24.93 21.10
CA PHE A 348 -7.76 24.79 20.61
C PHE A 348 -6.94 26.09 20.81
N ASN A 349 -5.98 26.16 21.77
CA ASN A 349 -5.08 27.35 21.88
C ASN A 349 -3.92 27.27 20.87
N PHE A 350 -4.01 27.96 19.74
CA PHE A 350 -2.90 27.97 18.79
C PHE A 350 -1.75 28.88 19.28
N LYS A 351 -0.57 28.30 19.46
CA LYS A 351 0.59 29.02 19.99
C LYS A 351 1.47 29.63 18.88
N THR A 352 0.92 29.77 17.67
CA THR A 352 1.70 30.26 16.52
C THR A 352 0.92 31.33 15.80
N HIS B 1 43.99 -23.48 -24.66
CA HIS B 1 43.26 -24.20 -23.57
C HIS B 1 42.63 -25.49 -24.09
N MET B 2 42.05 -26.28 -23.18
CA MET B 2 41.40 -27.56 -23.52
C MET B 2 40.10 -27.42 -24.35
N LYS B 3 39.56 -26.20 -24.48
CA LYS B 3 38.50 -25.88 -25.46
C LYS B 3 37.07 -26.36 -25.07
N SER B 4 36.91 -26.99 -23.90
CA SER B 4 35.57 -27.28 -23.31
C SER B 4 34.69 -28.25 -24.08
N LYS B 5 34.11 -29.20 -23.35
CA LYS B 5 33.26 -30.23 -23.91
C LYS B 5 31.79 -30.04 -23.52
N LEU B 6 31.47 -28.90 -22.90
CA LEU B 6 30.06 -28.57 -22.59
C LEU B 6 29.25 -28.42 -23.88
N PRO B 7 27.96 -28.78 -23.84
CA PRO B 7 27.14 -28.50 -25.01
C PRO B 7 27.23 -27.02 -25.45
N LYS B 8 27.19 -26.79 -26.76
CA LYS B 8 27.25 -25.45 -27.31
C LYS B 8 26.22 -24.47 -26.75
N PRO B 9 24.94 -24.88 -26.63
CA PRO B 9 23.96 -23.96 -26.04
C PRO B 9 24.30 -23.57 -24.58
N VAL B 10 24.92 -24.48 -23.83
CA VAL B 10 25.38 -24.18 -22.48
C VAL B 10 26.59 -23.24 -22.53
N GLN B 11 27.52 -23.48 -23.43
CA GLN B 11 28.65 -22.56 -23.63
C GLN B 11 28.15 -21.14 -23.97
N ASP B 12 27.21 -21.03 -24.90
CA ASP B 12 26.62 -19.75 -25.24
C ASP B 12 25.93 -19.08 -24.04
N LEU B 13 25.26 -19.86 -23.19
CA LEU B 13 24.59 -19.33 -21.98
C LEU B 13 25.60 -18.72 -21.02
N ILE B 14 26.71 -19.43 -20.79
CA ILE B 14 27.79 -18.94 -19.92
C ILE B 14 28.39 -17.62 -20.41
N LYS B 15 28.64 -17.52 -21.72
CA LYS B 15 29.21 -16.29 -22.32
C LYS B 15 28.30 -15.11 -22.13
N MET B 16 27.03 -15.34 -22.42
CA MET B 16 25.98 -14.33 -22.28
C MET B 16 25.91 -13.79 -20.84
N ILE B 17 25.89 -14.70 -19.85
CA ILE B 17 25.65 -14.26 -18.45
C ILE B 17 26.86 -13.62 -17.79
N PHE B 18 28.07 -14.02 -18.20
CA PHE B 18 29.31 -13.45 -17.67
C PHE B 18 29.90 -12.31 -18.52
N ASP B 19 29.13 -11.76 -19.43
CA ASP B 19 29.63 -10.70 -20.31
C ASP B 19 29.76 -9.36 -19.59
N VAL B 20 31.00 -8.91 -19.42
CA VAL B 20 31.33 -7.63 -18.78
C VAL B 20 30.71 -6.40 -19.46
N GLU B 21 30.70 -6.38 -20.79
CA GLU B 21 30.14 -5.21 -21.51
C GLU B 21 28.63 -5.08 -21.38
N SER B 22 27.93 -6.20 -21.25
CA SER B 22 26.51 -6.18 -20.96
C SER B 22 26.27 -5.60 -19.58
N MET B 23 27.12 -5.97 -18.64
CA MET B 23 27.07 -5.41 -17.28
C MET B 23 27.19 -3.89 -17.32
N LYS B 24 28.22 -3.42 -18.00
CA LYS B 24 28.44 -1.98 -18.17
C LYS B 24 27.28 -1.31 -18.91
N LYS B 25 26.75 -1.97 -19.94
CA LYS B 25 25.62 -1.45 -20.72
C LYS B 25 24.32 -1.36 -19.90
N ALA B 26 24.08 -2.30 -18.98
CA ALA B 26 22.95 -2.21 -18.04
C ALA B 26 23.05 -0.97 -17.14
N MET B 27 24.26 -0.70 -16.65
CA MET B 27 24.52 0.47 -15.82
C MET B 27 24.32 1.79 -16.55
N VAL B 28 24.80 1.90 -17.80
CA VAL B 28 24.57 3.16 -18.53
C VAL B 28 23.09 3.35 -18.88
N GLU B 29 22.35 2.25 -19.12
CA GLU B 29 20.87 2.29 -19.22
C GLU B 29 20.23 3.01 -18.02
N TYR B 30 20.67 2.69 -16.81
CA TYR B 30 20.22 3.42 -15.62
C TYR B 30 20.85 4.82 -15.46
N GLU B 31 21.53 5.31 -16.52
CA GLU B 31 22.19 6.63 -16.56
C GLU B 31 23.27 6.84 -15.48
N ILE B 32 23.90 5.75 -15.07
CA ILE B 32 24.92 5.78 -14.04
C ILE B 32 26.23 6.21 -14.69
N ASP B 33 27.03 7.00 -13.97
CA ASP B 33 28.29 7.54 -14.47
C ASP B 33 29.43 6.53 -14.28
N LEU B 34 29.75 5.80 -15.35
CA LEU B 34 30.85 4.82 -15.36
C LEU B 34 32.23 5.46 -15.31
N GLN B 35 32.31 6.74 -15.69
CA GLN B 35 33.52 7.54 -15.50
C GLN B 35 33.81 7.67 -14.00
N LYS B 36 32.76 8.01 -13.23
CA LYS B 36 32.87 8.24 -11.77
C LYS B 36 32.74 6.97 -10.91
N MET B 37 31.83 6.07 -11.33
CA MET B 37 31.48 4.82 -10.65
C MET B 37 31.64 3.67 -11.63
N PRO B 38 32.89 3.31 -11.99
CA PRO B 38 33.09 2.14 -12.87
C PRO B 38 32.67 0.82 -12.22
N LEU B 39 32.37 -0.18 -13.06
CA LEU B 39 31.91 -1.49 -12.59
C LEU B 39 32.70 -2.06 -11.41
N GLY B 40 34.03 -1.94 -11.45
CA GLY B 40 34.90 -2.48 -10.39
C GLY B 40 34.91 -1.72 -9.08
N LYS B 41 34.32 -0.53 -9.02
CA LYS B 41 34.19 0.25 -7.77
C LYS B 41 32.83 0.04 -7.06
N LEU B 42 31.85 -0.46 -7.81
CA LEU B 42 30.56 -0.86 -7.27
C LEU B 42 30.77 -1.88 -6.16
N SER B 43 30.28 -1.58 -4.95
CA SER B 43 30.39 -2.51 -3.82
C SER B 43 29.05 -2.74 -3.15
N LYS B 44 29.02 -3.79 -2.35
CA LYS B 44 27.82 -4.20 -1.61
C LYS B 44 27.36 -3.15 -0.61
N ARG B 45 28.28 -2.68 0.23
CA ARG B 45 27.85 -1.76 1.28
C ARG B 45 27.55 -0.34 0.77
N GLN B 46 28.01 -0.05 -0.44
CA GLN B 46 27.53 1.11 -1.17
C GLN B 46 26.09 1.01 -1.57
N ILE B 47 25.73 -0.14 -2.11
CA ILE B 47 24.35 -0.43 -2.50
C ILE B 47 23.42 -0.42 -1.26
N GLN B 48 23.85 -1.08 -0.19
CA GLN B 48 23.14 -1.06 1.08
C GLN B 48 22.98 0.35 1.62
N ALA B 49 24.03 1.15 1.51
CA ALA B 49 24.02 2.52 1.97
C ALA B 49 22.97 3.30 1.19
N ALA B 50 22.95 3.07 -0.12
CA ALA B 50 21.98 3.69 -1.00
C ALA B 50 20.55 3.25 -0.66
N TYR B 51 20.36 1.96 -0.40
CA TYR B 51 19.06 1.47 0.09
C TYR B 51 18.58 2.21 1.35
N SER B 52 19.50 2.43 2.29
CA SER B 52 19.22 3.17 3.53
C SER B 52 18.77 4.58 3.29
N ILE B 53 19.40 5.26 2.34
CA ILE B 53 18.94 6.58 1.93
C ILE B 53 17.50 6.51 1.43
N LEU B 54 17.22 5.54 0.57
CA LEU B 54 15.86 5.31 0.09
C LEU B 54 14.89 5.05 1.21
N SER B 55 15.32 4.30 2.23
CA SER B 55 14.50 4.09 3.44
C SER B 55 14.30 5.36 4.26
N GLU B 56 15.34 6.18 4.38
CA GLU B 56 15.19 7.51 4.98
C GLU B 56 14.14 8.37 4.26
N VAL B 57 14.15 8.32 2.94
CA VAL B 57 13.16 9.04 2.14
C VAL B 57 11.76 8.51 2.48
N GLN B 58 11.56 7.20 2.41
CA GLN B 58 10.28 6.56 2.81
C GLN B 58 9.77 7.10 4.16
N GLN B 59 10.66 7.10 5.15
CA GLN B 59 10.35 7.54 6.51
C GLN B 59 9.91 9.02 6.59
N ALA B 60 10.60 9.85 5.83
CA ALA B 60 10.30 11.27 5.76
C ALA B 60 9.07 11.58 4.91
N VAL B 61 8.91 10.87 3.79
CA VAL B 61 7.69 11.01 2.98
C VAL B 61 6.46 10.69 3.85
N SER B 62 6.60 9.84 4.88
CA SER B 62 5.47 9.53 5.75
C SER B 62 4.99 10.70 6.64
N GLN B 63 5.33 11.96 6.28
CA GLN B 63 5.03 13.16 7.09
C GLN B 63 5.63 14.45 6.51
N GLY B 64 4.84 15.19 5.72
CA GLY B 64 5.28 16.48 5.16
C GLY B 64 5.72 17.50 6.22
N SER B 66 7.57 17.49 2.17
CA SER B 66 8.69 18.38 2.45
C SER B 66 9.89 17.96 1.65
N ASP B 67 9.99 18.42 0.40
CA ASP B 67 11.24 18.16 -0.35
C ASP B 67 12.43 18.96 0.25
N SER B 68 12.31 19.58 1.44
CA SER B 68 13.47 20.22 2.09
C SER B 68 14.39 19.13 2.59
N GLN B 69 13.85 18.30 3.48
CA GLN B 69 14.58 17.14 3.98
C GLN B 69 14.78 16.10 2.85
N ILE B 70 13.73 15.89 2.08
CA ILE B 70 13.78 14.98 0.93
C ILE B 70 14.72 15.47 -0.18
N LEU B 71 14.91 16.78 -0.37
CA LEU B 71 15.91 17.30 -1.34
C LEU B 71 17.26 16.76 -0.97
N ASP B 72 17.68 17.06 0.25
CA ASP B 72 18.97 16.65 0.79
C ASP B 72 19.18 15.18 0.48
N LEU B 73 18.17 14.37 0.79
CA LEU B 73 18.31 12.92 0.67
C LEU B 73 18.43 12.52 -0.80
N SER B 74 17.60 13.13 -1.66
CA SER B 74 17.68 12.92 -3.10
C SER B 74 19.09 13.26 -3.60
N ASN B 75 19.61 14.41 -3.18
CA ASN B 75 21.00 14.79 -3.46
C ASN B 75 22.08 13.82 -3.00
N ARG B 76 21.95 13.37 -1.76
CA ARG B 76 22.85 12.33 -1.24
C ARG B 76 22.85 11.06 -2.11
N PHE B 77 21.68 10.60 -2.53
CA PHE B 77 21.59 9.41 -3.37
C PHE B 77 22.42 9.55 -4.64
N TYR B 78 22.30 10.70 -5.30
CA TYR B 78 23.02 10.94 -6.56
C TYR B 78 24.50 11.26 -6.35
N THR B 79 24.89 11.50 -5.09
CA THR B 79 26.29 11.56 -4.70
C THR B 79 26.83 10.14 -4.47
N LEU B 80 26.06 9.30 -3.77
CA LEU B 80 26.46 7.92 -3.46
C LEU B 80 26.56 7.07 -4.73
N ILE B 81 25.53 7.17 -5.56
CA ILE B 81 25.49 6.50 -6.86
C ILE B 81 25.61 7.59 -7.94
N PRO B 82 26.85 7.86 -8.40
CA PRO B 82 27.07 8.96 -9.34
C PRO B 82 26.42 8.71 -10.69
N HIS B 83 25.51 9.59 -11.09
CA HIS B 83 24.77 9.45 -12.34
C HIS B 83 25.29 10.47 -13.36
N ASP B 84 25.25 10.13 -14.64
CA ASP B 84 25.58 11.08 -15.71
C ASP B 84 24.31 11.72 -16.22
N PHE B 85 23.96 12.74 -15.49
CA PHE B 85 23.45 13.95 -16.08
C PHE B 85 24.64 14.96 -16.01
N GLY B 86 25.73 14.51 -15.37
CA GLY B 86 27.11 14.88 -15.72
C GLY B 86 27.84 15.49 -14.54
N MET B 87 27.43 16.71 -14.24
CA MET B 87 27.95 17.53 -13.17
C MET B 87 26.99 17.57 -11.96
N LYS B 88 25.70 17.30 -12.25
CA LYS B 88 24.56 16.91 -11.30
C LYS B 88 23.36 17.89 -10.82
N PRO B 90 20.23 16.23 -10.72
CA PRO B 90 19.18 15.50 -11.56
C PRO B 90 17.75 15.14 -11.01
N PRO B 91 16.92 14.41 -11.82
CA PRO B 91 15.55 13.87 -11.53
C PRO B 91 15.16 13.38 -10.11
N LEU B 92 14.23 14.08 -9.48
CA LEU B 92 14.08 14.11 -8.01
C LEU B 92 13.40 12.87 -7.38
N LEU B 93 13.77 12.60 -6.11
CA LEU B 93 13.29 11.45 -5.33
C LEU B 93 12.37 11.82 -4.17
N ASN B 94 11.19 12.32 -4.51
CA ASN B 94 10.27 12.89 -3.51
C ASN B 94 8.94 12.17 -3.34
N ASN B 95 8.73 11.11 -4.13
CA ASN B 95 7.46 10.38 -4.20
C ASN B 95 7.69 8.86 -4.23
N ALA B 96 6.62 8.11 -4.08
CA ALA B 96 6.67 6.65 -4.11
C ALA B 96 7.27 6.09 -5.42
N ASP B 97 6.77 6.56 -6.56
CA ASP B 97 7.25 6.13 -7.89
C ASP B 97 8.74 6.29 -8.14
N SER B 98 9.30 7.39 -7.66
CA SER B 98 10.73 7.65 -7.74
C SER B 98 11.51 6.66 -6.89
N VAL B 99 11.02 6.41 -5.69
CA VAL B 99 11.65 5.48 -4.75
C VAL B 99 11.60 4.05 -5.31
N GLN B 100 10.43 3.66 -5.83
CA GLN B 100 10.24 2.31 -6.38
C GLN B 100 11.23 2.04 -7.47
N ALA B 101 11.37 3.01 -8.38
CA ALA B 101 12.26 2.87 -9.52
C ALA B 101 13.71 2.71 -9.08
N LYS B 102 14.17 3.52 -8.12
CA LYS B 102 15.54 3.40 -7.61
C LYS B 102 15.80 2.12 -6.81
N ALA B 103 14.80 1.70 -6.02
CA ALA B 103 14.87 0.45 -5.29
C ALA B 103 15.07 -0.68 -6.28
N GLU B 104 14.28 -0.65 -7.36
CA GLU B 104 14.44 -1.64 -8.43
C GLU B 104 15.83 -1.58 -9.09
N MET B 105 16.32 -0.38 -9.38
CA MET B 105 17.67 -0.24 -9.91
C MET B 105 18.68 -0.91 -8.97
N LEU B 106 18.55 -0.65 -7.68
CA LEU B 106 19.48 -1.18 -6.69
C LEU B 106 19.40 -2.71 -6.60
N ASP B 107 18.19 -3.28 -6.72
CA ASP B 107 18.03 -4.75 -6.82
C ASP B 107 18.91 -5.29 -7.96
N ASN B 108 18.90 -4.60 -9.09
CA ASN B 108 19.70 -4.97 -10.23
C ASN B 108 21.20 -4.80 -9.96
N LEU B 109 21.58 -3.69 -9.31
CA LEU B 109 22.98 -3.48 -8.98
C LEU B 109 23.52 -4.57 -8.03
N LEU B 110 22.71 -5.05 -7.08
CA LEU B 110 23.16 -6.14 -6.20
C LEU B 110 23.56 -7.40 -6.98
N ASP B 111 22.76 -7.76 -7.99
CA ASP B 111 23.04 -8.95 -8.79
C ASP B 111 24.24 -8.76 -9.70
N ILE B 112 24.39 -7.57 -10.26
CA ILE B 112 25.57 -7.23 -11.05
C ILE B 112 26.86 -7.27 -10.23
N GLU B 113 26.82 -6.79 -8.98
CA GLU B 113 27.97 -6.84 -8.12
C GLU B 113 28.30 -8.31 -7.79
N VAL B 114 27.27 -9.12 -7.53
CA VAL B 114 27.49 -10.56 -7.31
C VAL B 114 28.26 -11.16 -8.51
N ALA B 115 27.81 -10.86 -9.71
CA ALA B 115 28.40 -11.46 -10.94
C ALA B 115 29.86 -11.06 -11.16
N TYR B 116 30.12 -9.76 -11.05
CA TYR B 116 31.48 -9.24 -11.26
C TYR B 116 32.45 -9.74 -10.18
N SER B 117 32.00 -9.84 -8.95
CA SER B 117 32.83 -10.37 -7.87
C SER B 117 33.10 -11.88 -8.03
N LEU B 118 32.13 -12.64 -8.50
CA LEU B 118 32.35 -14.05 -8.88
C LEU B 118 33.45 -14.19 -9.92
N LEU B 119 33.31 -13.40 -10.98
CA LEU B 119 34.24 -13.41 -12.10
C LEU B 119 35.69 -13.07 -11.70
N ARG B 120 35.84 -12.07 -10.85
CA ARG B 120 37.17 -11.67 -10.37
C ARG B 120 37.67 -12.47 -9.17
N GLY B 121 36.82 -13.27 -8.53
CA GLY B 121 37.25 -14.13 -7.41
C GLY B 121 37.72 -15.50 -7.87
N GLY B 122 37.90 -16.41 -6.91
CA GLY B 122 38.25 -17.80 -7.21
C GLY B 122 39.71 -17.96 -7.63
N SER B 123 39.95 -18.92 -8.52
CA SER B 123 41.30 -19.29 -8.97
C SER B 123 41.52 -19.08 -10.48
N ASP B 124 42.68 -18.48 -10.79
CA ASP B 124 43.21 -18.33 -12.14
C ASP B 124 43.86 -19.66 -12.55
N ASP B 125 43.50 -20.19 -13.73
CA ASP B 125 44.19 -21.36 -14.31
C ASP B 125 44.06 -21.35 -15.84
N SER B 126 45.10 -20.85 -16.52
CA SER B 126 45.17 -20.76 -18.01
C SER B 126 44.87 -22.08 -18.73
N SER B 127 45.24 -23.20 -18.11
CA SER B 127 45.07 -24.51 -18.74
C SER B 127 43.61 -25.01 -18.80
N LYS B 128 42.65 -24.19 -18.37
CA LYS B 128 41.25 -24.48 -18.51
C LYS B 128 40.60 -23.42 -19.38
N ASP B 129 39.65 -23.86 -20.19
CA ASP B 129 38.81 -22.98 -20.96
C ASP B 129 38.06 -22.10 -19.97
N PRO B 130 38.12 -20.76 -20.13
CA PRO B 130 37.39 -19.96 -19.13
C PRO B 130 35.87 -20.20 -19.15
N ILE B 131 35.33 -20.72 -20.24
CA ILE B 131 33.94 -21.16 -20.24
C ILE B 131 33.72 -22.19 -19.13
N ASP B 132 34.61 -23.16 -19.04
CA ASP B 132 34.51 -24.18 -17.98
C ASP B 132 34.75 -23.59 -16.59
N VAL B 133 35.66 -22.63 -16.45
CA VAL B 133 35.91 -21.99 -15.15
C VAL B 133 34.69 -21.20 -14.69
N ASN B 134 34.10 -20.45 -15.61
CA ASN B 134 32.89 -19.69 -15.30
C ASN B 134 31.68 -20.57 -15.07
N TYR B 135 31.58 -21.70 -15.78
CA TYR B 135 30.56 -22.70 -15.47
C TYR B 135 30.64 -23.18 -14.03
N GLU B 136 31.84 -23.59 -13.56
CA GLU B 136 32.00 -24.15 -12.20
C GLU B 136 31.54 -23.13 -11.17
N LYS B 137 31.84 -21.85 -11.43
CA LYS B 137 31.54 -20.76 -10.49
C LYS B 137 30.07 -20.65 -10.15
N LEU B 138 29.20 -21.09 -11.05
CA LEU B 138 27.76 -21.04 -10.83
C LEU B 138 27.22 -22.08 -9.85
N LYS B 139 27.99 -23.13 -9.58
CA LYS B 139 27.57 -24.19 -8.64
C LYS B 139 26.17 -24.66 -9.02
N THR B 140 26.00 -24.94 -10.31
CA THR B 140 24.71 -25.25 -10.86
C THR B 140 24.93 -26.19 -12.02
N ASP B 141 24.29 -27.35 -11.93
CA ASP B 141 24.26 -28.31 -13.02
C ASP B 141 23.28 -27.77 -14.05
N ILE B 142 23.74 -27.58 -15.28
CA ILE B 142 22.88 -27.10 -16.37
C ILE B 142 22.92 -28.12 -17.48
N LYS B 143 21.75 -28.62 -17.87
CA LYS B 143 21.61 -29.51 -19.01
C LYS B 143 20.59 -28.95 -19.99
N VAL B 144 20.78 -29.25 -21.27
CA VAL B 144 19.86 -28.86 -22.34
C VAL B 144 18.72 -29.87 -22.37
N VAL B 145 17.47 -29.40 -22.27
CA VAL B 145 16.29 -30.25 -22.44
C VAL B 145 16.08 -30.52 -23.92
N ASP B 146 15.79 -31.77 -24.26
CA ASP B 146 15.52 -32.20 -25.64
C ASP B 146 14.21 -31.61 -26.17
N ARG B 147 14.29 -30.95 -27.31
CA ARG B 147 13.12 -30.30 -27.96
C ARG B 147 11.87 -31.16 -28.07
N ASP B 148 12.07 -32.46 -28.30
CA ASP B 148 10.99 -33.39 -28.57
C ASP B 148 10.38 -34.03 -27.31
N SER B 149 11.05 -33.89 -26.17
CA SER B 149 10.54 -34.43 -24.90
C SER B 149 9.20 -33.83 -24.50
N GLU B 150 8.57 -34.49 -23.54
CA GLU B 150 7.24 -34.11 -23.08
C GLU B 150 7.28 -32.79 -22.30
N GLU B 151 8.24 -32.68 -21.38
CA GLU B 151 8.46 -31.43 -20.64
C GLU B 151 8.73 -30.24 -21.58
N ALA B 152 9.49 -30.47 -22.66
CA ALA B 152 9.73 -29.42 -23.66
C ALA B 152 8.42 -28.97 -24.32
N GLU B 153 7.52 -29.91 -24.61
CA GLU B 153 6.20 -29.57 -25.17
C GLU B 153 5.32 -28.80 -24.21
N ILE B 154 5.28 -29.21 -22.95
CA ILE B 154 4.50 -28.53 -21.90
C ILE B 154 4.96 -27.05 -21.74
N ILE B 155 6.28 -26.88 -21.69
CA ILE B 155 6.92 -25.60 -21.58
C ILE B 155 6.59 -24.68 -22.75
N ARG B 156 6.72 -25.18 -23.98
CA ARG B 156 6.36 -24.38 -25.16
C ARG B 156 4.90 -23.94 -25.12
N LYS B 157 4.02 -24.86 -24.75
CA LYS B 157 2.61 -24.58 -24.58
C LYS B 157 2.39 -23.47 -23.53
N TYR B 158 3.18 -23.50 -22.46
CA TYR B 158 3.07 -22.49 -21.41
C TYR B 158 3.42 -21.11 -21.97
N VAL B 159 4.43 -21.05 -22.83
CA VAL B 159 4.81 -19.81 -23.50
C VAL B 159 3.73 -19.39 -24.49
N LYS B 160 3.27 -20.35 -25.29
CA LYS B 160 2.35 -20.12 -26.41
C LYS B 160 0.99 -19.59 -25.97
N ASN B 161 0.50 -20.05 -24.83
CA ASN B 161 -0.86 -19.77 -24.37
C ASN B 161 -1.00 -18.54 -23.48
N THR B 162 0.10 -18.07 -22.86
CA THR B 162 0.04 -17.08 -21.81
C THR B 162 0.81 -15.80 -22.13
N HIS B 163 0.74 -15.41 -23.40
CA HIS B 163 1.27 -14.15 -23.87
C HIS B 163 0.06 -13.21 -23.96
N ALA B 164 0.02 -12.22 -23.06
CA ALA B 164 -1.07 -11.26 -22.95
C ALA B 164 -1.21 -10.42 -24.22
N THR B 165 -2.45 -10.27 -24.67
CA THR B 165 -2.80 -9.46 -25.83
C THR B 165 -2.30 -8.02 -25.70
N THR B 166 -2.33 -7.48 -24.48
CA THR B 166 -1.83 -6.10 -24.23
C THR B 166 -0.30 -5.97 -24.25
N HIS B 167 0.43 -7.08 -24.05
CA HIS B 167 1.90 -7.10 -24.17
C HIS B 167 2.33 -7.47 -25.61
N ASN B 168 1.73 -6.80 -26.59
CA ASN B 168 1.93 -7.19 -27.99
C ASN B 168 2.99 -6.37 -28.73
N ALA B 169 3.74 -5.56 -27.98
CA ALA B 169 4.96 -4.91 -28.50
C ALA B 169 5.96 -5.89 -29.16
N TYR B 170 5.98 -7.13 -28.67
CA TYR B 170 6.83 -8.19 -29.21
C TYR B 170 6.09 -9.52 -29.19
N ASP B 171 6.62 -10.51 -29.91
CA ASP B 171 6.27 -11.92 -29.62
C ASP B 171 7.54 -12.73 -29.31
N LEU B 172 7.35 -13.96 -28.84
CA LEU B 172 8.43 -14.74 -28.25
C LEU B 172 8.70 -16.03 -29.00
N GLU B 173 9.99 -16.36 -29.19
CA GLU B 173 10.44 -17.69 -29.66
C GLU B 173 11.33 -18.29 -28.58
N VAL B 174 11.12 -19.56 -28.28
CA VAL B 174 12.05 -20.29 -27.42
C VAL B 174 13.26 -20.68 -28.26
N ILE B 175 14.46 -20.27 -27.86
CA ILE B 175 15.68 -20.77 -28.48
C ILE B 175 16.11 -22.07 -27.75
N ASP B 176 16.34 -21.96 -26.43
CA ASP B 176 16.80 -23.08 -25.61
C ASP B 176 15.98 -23.21 -24.30
N ILE B 177 15.82 -24.45 -23.86
CA ILE B 177 15.23 -24.78 -22.58
C ILE B 177 16.30 -25.56 -21.86
N PHE B 178 16.71 -25.08 -20.69
CA PHE B 178 17.73 -25.73 -19.86
C PHE B 178 17.09 -26.27 -18.59
N LYS B 179 17.50 -27.46 -18.16
CA LYS B 179 17.13 -27.96 -16.83
C LYS B 179 18.23 -27.52 -15.89
N ILE B 180 17.86 -26.89 -14.77
CA ILE B 180 18.86 -26.37 -13.83
C ILE B 180 18.66 -26.88 -12.41
N GLU B 181 19.78 -27.11 -11.74
CA GLU B 181 19.79 -27.65 -10.40
C GLU B 181 20.88 -26.93 -9.64
N ARG B 182 20.49 -25.89 -8.91
CA ARG B 182 21.42 -25.15 -8.07
C ARG B 182 21.93 -26.01 -6.93
N GLU B 183 23.23 -25.94 -6.68
CA GLU B 183 23.83 -26.78 -5.67
C GLU B 183 23.19 -26.46 -4.31
N GLY B 184 22.59 -27.48 -3.67
CA GLY B 184 22.07 -27.38 -2.32
C GLY B 184 20.63 -26.92 -2.24
N GLU B 185 19.99 -26.61 -3.36
CA GLU B 185 18.68 -26.00 -3.32
C GLU B 185 17.56 -27.02 -3.18
N CYS B 186 17.75 -28.24 -3.71
CA CYS B 186 16.77 -29.32 -3.49
C CYS B 186 16.62 -29.61 -2.00
N GLN B 187 17.76 -29.80 -1.33
CA GLN B 187 17.84 -29.98 0.12
C GLN B 187 17.14 -28.83 0.90
N ARG B 188 17.35 -27.59 0.48
CA ARG B 188 16.77 -26.40 1.12
C ARG B 188 15.25 -26.34 0.95
N TYR B 189 14.79 -26.86 -0.17
CA TYR B 189 13.36 -26.88 -0.50
C TYR B 189 12.57 -28.05 0.16
N LYS B 190 13.29 -29.09 0.59
CA LYS B 190 12.65 -30.31 1.16
C LYS B 190 11.50 -30.03 2.13
N PRO B 191 11.69 -29.10 3.11
CA PRO B 191 10.58 -28.81 4.01
C PRO B 191 9.27 -28.47 3.33
N PHE B 192 9.34 -27.75 2.22
CA PHE B 192 8.15 -27.30 1.54
C PHE B 192 7.67 -28.22 0.41
N LYS B 193 8.36 -29.32 0.15
CA LYS B 193 8.07 -30.15 -1.04
C LYS B 193 6.68 -30.80 -1.03
N GLN B 194 6.17 -31.08 0.17
CA GLN B 194 4.85 -31.71 0.33
C GLN B 194 3.74 -30.71 0.66
N LEU B 195 4.06 -29.42 0.64
CA LEU B 195 3.07 -28.39 0.87
C LEU B 195 2.12 -28.33 -0.33
N HIS B 196 0.84 -28.14 -0.04
CA HIS B 196 -0.18 -27.91 -1.05
C HIS B 196 0.05 -26.63 -1.93
N ASN B 197 -0.68 -26.54 -3.06
CA ASN B 197 -0.58 -25.43 -4.02
C ASN B 197 0.87 -25.12 -4.42
N ARG B 198 1.54 -26.14 -4.96
CA ARG B 198 2.85 -25.99 -5.58
C ARG B 198 2.63 -25.75 -7.06
N ARG B 199 3.22 -24.66 -7.55
CA ARG B 199 2.88 -24.13 -8.86
C ARG B 199 4.17 -23.75 -9.60
N LEU B 200 4.21 -24.02 -10.91
CA LEU B 200 5.37 -23.75 -11.75
C LEU B 200 5.16 -22.37 -12.35
N LEU B 201 6.03 -21.45 -11.97
CA LEU B 201 5.82 -20.05 -12.28
C LEU B 201 7.06 -19.42 -12.88
N TRP B 202 6.81 -18.37 -13.65
CA TRP B 202 7.81 -17.65 -14.39
C TRP B 202 8.46 -16.62 -13.48
N HIS B 203 9.74 -16.35 -13.74
CA HIS B 203 10.39 -15.18 -13.17
C HIS B 203 11.37 -14.63 -14.19
N GLY B 204 11.06 -13.46 -14.72
CA GLY B 204 11.90 -12.82 -15.70
C GLY B 204 12.87 -11.90 -15.01
N SER B 205 14.05 -11.77 -15.60
CA SER B 205 15.11 -10.94 -15.05
C SER B 205 16.11 -10.67 -16.14
N ARG B 206 16.81 -9.55 -16.05
CA ARG B 206 17.72 -9.19 -17.12
C ARG B 206 18.95 -10.11 -17.05
N THR B 207 19.56 -10.31 -18.22
CA THR B 207 20.56 -11.35 -18.40
C THR B 207 21.79 -11.11 -17.54
N THR B 208 22.08 -9.84 -17.26
CA THR B 208 23.19 -9.44 -16.41
C THR B 208 22.99 -9.79 -14.90
N ASN B 209 21.83 -10.33 -14.52
CA ASN B 209 21.57 -10.78 -13.14
C ASN B 209 21.69 -12.28 -12.95
N PHE B 210 21.73 -13.05 -14.04
CA PHE B 210 21.61 -14.52 -13.92
C PHE B 210 22.80 -15.24 -13.33
N ALA B 211 23.99 -14.64 -13.38
CA ALA B 211 25.13 -15.19 -12.65
C ALA B 211 24.84 -15.14 -11.16
N GLY B 212 24.31 -13.99 -10.73
CA GLY B 212 23.84 -13.81 -9.38
C GLY B 212 22.71 -14.72 -8.98
N ILE B 213 21.74 -14.89 -9.87
CA ILE B 213 20.58 -15.74 -9.62
C ILE B 213 20.99 -17.22 -9.53
N LEU B 214 21.92 -17.65 -10.38
CA LEU B 214 22.34 -19.06 -10.35
C LEU B 214 23.32 -19.35 -9.22
N SER B 215 24.22 -18.43 -8.87
CA SER B 215 25.16 -18.75 -7.78
C SER B 215 24.45 -18.67 -6.44
N GLN B 216 23.68 -17.61 -6.23
CA GLN B 216 23.04 -17.33 -4.95
C GLN B 216 21.55 -17.68 -4.84
N GLY B 217 20.87 -17.95 -5.96
CA GLY B 217 19.41 -18.14 -5.96
C GLY B 217 18.61 -16.85 -5.98
N LEU B 218 17.30 -16.96 -6.09
CA LEU B 218 16.43 -15.79 -5.95
C LEU B 218 16.36 -15.52 -4.46
N ARG B 219 16.35 -14.23 -4.11
CA ARG B 219 16.62 -13.77 -2.75
C ARG B 219 15.68 -12.65 -2.36
N ILE B 220 15.64 -12.34 -1.06
CA ILE B 220 14.91 -11.19 -0.56
C ILE B 220 15.86 -9.97 -0.53
N ALA B 221 15.37 -8.81 -0.95
CA ALA B 221 16.12 -7.56 -0.83
C ALA B 221 16.57 -7.37 0.62
N PRO B 222 17.75 -6.78 0.83
CA PRO B 222 18.30 -6.74 2.19
C PRO B 222 17.48 -5.88 3.16
N PRO B 223 17.74 -6.01 4.47
CA PRO B 223 16.98 -5.28 5.50
C PRO B 223 16.98 -3.74 5.32
N GLU B 224 18.06 -3.19 4.78
CA GLU B 224 18.16 -1.77 4.47
C GLU B 224 17.14 -1.31 3.40
N ALA B 225 16.71 -2.22 2.51
CA ALA B 225 15.78 -1.87 1.45
C ALA B 225 14.43 -1.42 2.01
N PRO B 226 13.82 -0.40 1.38
CA PRO B 226 12.53 0.08 1.85
C PRO B 226 11.41 -0.89 1.47
N VAL B 227 10.73 -1.45 2.47
CA VAL B 227 9.55 -2.31 2.23
C VAL B 227 8.48 -1.61 1.33
N THR B 228 8.38 -0.28 1.45
CA THR B 228 7.58 0.59 0.55
C THR B 228 8.01 0.60 -0.93
N GLY B 229 9.27 0.25 -1.22
CA GLY B 229 9.75 0.19 -2.61
C GLY B 229 9.16 -0.90 -3.51
N TYR B 230 8.35 -1.80 -2.95
CA TYR B 230 7.85 -2.96 -3.66
C TYR B 230 6.36 -3.14 -3.31
N MET B 231 5.53 -3.39 -4.31
CA MET B 231 4.07 -3.49 -4.16
C MET B 231 3.60 -4.42 -3.04
N PHE B 232 4.23 -5.58 -2.92
CA PHE B 232 3.87 -6.59 -1.91
C PHE B 232 4.99 -6.86 -0.89
N GLY B 233 5.83 -5.84 -0.73
CA GLY B 233 6.92 -5.88 0.23
C GLY B 233 8.10 -6.71 -0.26
N LYS B 234 8.94 -7.10 0.69
CA LYS B 234 10.23 -7.68 0.36
C LYS B 234 10.10 -9.18 0.26
N GLY B 235 9.99 -9.64 -0.98
CA GLY B 235 9.81 -11.06 -1.25
C GLY B 235 10.30 -11.45 -2.60
N ILE B 236 10.04 -12.70 -2.97
CA ILE B 236 10.38 -13.22 -4.30
C ILE B 236 9.11 -13.34 -5.15
N TYR B 237 9.10 -12.62 -6.28
CA TYR B 237 7.88 -12.39 -7.09
C TYR B 237 7.90 -13.24 -8.36
N PHE B 238 6.74 -13.78 -8.72
CA PHE B 238 6.56 -14.61 -9.89
C PHE B 238 5.25 -14.24 -10.59
N ALA B 239 5.13 -14.67 -11.85
CA ALA B 239 3.90 -14.55 -12.63
C ALA B 239 3.49 -15.86 -13.29
N ASP B 240 2.20 -15.97 -13.64
CA ASP B 240 1.67 -17.11 -14.42
C ASP B 240 1.53 -16.85 -15.91
N MET B 241 1.80 -15.61 -16.33
CA MET B 241 1.79 -15.18 -17.72
C MET B 241 3.23 -14.95 -18.15
N VAL B 242 3.66 -15.61 -19.23
CA VAL B 242 5.05 -15.52 -19.67
C VAL B 242 5.44 -14.08 -20.00
N SER B 243 4.54 -13.34 -20.64
CA SER B 243 4.83 -11.97 -21.06
C SER B 243 4.99 -11.00 -19.88
N LYS B 244 4.24 -11.21 -18.79
CA LYS B 244 4.41 -10.33 -17.61
C LYS B 244 5.85 -10.47 -17.06
N SER B 245 6.32 -11.70 -16.89
CA SER B 245 7.72 -11.94 -16.50
C SER B 245 8.72 -11.46 -17.57
N ALA B 246 8.40 -11.70 -18.84
CA ALA B 246 9.33 -11.38 -19.94
C ALA B 246 9.58 -9.88 -20.04
N ASN B 247 8.59 -9.09 -19.64
CA ASN B 247 8.74 -7.64 -19.51
C ASN B 247 9.85 -7.29 -18.53
N TYR B 248 10.03 -8.10 -17.49
CA TYR B 248 11.13 -7.91 -16.53
C TYR B 248 12.51 -8.34 -17.00
N CYS B 249 12.62 -8.94 -18.19
CA CYS B 249 13.94 -9.18 -18.81
C CYS B 249 14.59 -7.88 -19.29
N HIS B 250 13.77 -6.86 -19.55
CA HIS B 250 14.19 -5.58 -20.09
C HIS B 250 15.04 -5.74 -21.34
N THR B 251 14.53 -6.57 -22.25
CA THR B 251 15.14 -6.74 -23.56
C THR B 251 14.73 -5.55 -24.40
N SER B 252 15.53 -5.25 -25.42
CA SER B 252 15.26 -4.14 -26.34
C SER B 252 15.49 -4.62 -27.77
N GLN B 253 15.24 -3.73 -28.74
CA GLN B 253 15.64 -4.02 -30.12
C GLN B 253 17.16 -4.14 -30.23
N GLY B 254 17.88 -3.38 -29.41
CA GLY B 254 19.35 -3.45 -29.36
C GLY B 254 19.89 -4.82 -28.99
N ASP B 255 19.35 -5.40 -27.91
CA ASP B 255 19.63 -6.80 -27.49
C ASP B 255 18.32 -7.55 -27.24
N PRO B 256 17.78 -8.23 -28.28
CA PRO B 256 16.45 -8.85 -28.20
C PRO B 256 16.41 -10.31 -27.69
N ILE B 257 17.45 -10.77 -27.02
CA ILE B 257 17.48 -12.11 -26.46
C ILE B 257 17.33 -11.91 -24.97
N GLY B 258 16.50 -12.72 -24.34
CA GLY B 258 16.36 -12.67 -22.88
C GLY B 258 16.38 -14.06 -22.27
N LEU B 259 16.46 -14.06 -20.93
CA LEU B 259 16.41 -15.25 -20.11
C LEU B 259 15.30 -15.13 -19.05
N ILE B 260 14.58 -16.23 -18.86
CA ILE B 260 13.47 -16.30 -17.93
C ILE B 260 13.44 -17.68 -17.22
N LEU B 261 13.22 -17.68 -15.92
CA LEU B 261 13.17 -18.92 -15.12
C LEU B 261 11.77 -19.48 -15.08
N LEU B 262 11.72 -20.79 -14.94
CA LEU B 262 10.53 -21.45 -14.44
C LEU B 262 10.95 -22.04 -13.09
N GLY B 263 10.20 -21.70 -12.04
CA GLY B 263 10.47 -22.20 -10.68
C GLY B 263 9.26 -22.90 -10.05
N GLU B 264 9.52 -23.96 -9.28
CA GLU B 264 8.46 -24.58 -8.50
C GLU B 264 8.32 -23.75 -7.25
N VAL B 265 7.15 -23.14 -7.05
CA VAL B 265 6.95 -22.25 -5.90
C VAL B 265 5.89 -22.84 -4.98
N ALA B 266 6.28 -23.08 -3.72
CA ALA B 266 5.35 -23.60 -2.70
C ALA B 266 4.45 -22.47 -2.17
N LEU B 267 3.24 -22.33 -2.72
CA LEU B 267 2.35 -21.22 -2.39
C LEU B 267 1.44 -21.43 -1.16
N GLY B 268 1.10 -22.69 -0.89
CA GLY B 268 0.28 -23.05 0.27
C GLY B 268 -1.00 -22.24 0.32
N ASN B 269 -1.39 -21.82 1.51
CA ASN B 269 -2.41 -20.80 1.66
C ASN B 269 -2.02 -19.45 1.10
N MET B 270 -2.82 -18.98 0.16
CA MET B 270 -2.58 -17.74 -0.52
C MET B 270 -3.38 -16.62 0.13
N TYR B 271 -2.66 -15.57 0.57
CA TYR B 271 -3.29 -14.35 1.01
C TYR B 271 -3.54 -13.49 -0.23
N GLU B 272 -4.81 -13.27 -0.51
CA GLU B 272 -5.20 -12.78 -1.79
C GLU B 272 -5.46 -11.29 -1.68
N LEU B 273 -4.83 -10.53 -2.58
CA LEU B 273 -4.77 -9.07 -2.48
C LEU B 273 -4.99 -8.41 -3.84
N LYS B 274 -5.70 -7.30 -3.83
CA LYS B 274 -6.05 -6.58 -5.04
C LYS B 274 -5.27 -5.25 -5.19
N HIS B 275 -4.65 -4.79 -4.11
CA HIS B 275 -3.86 -3.55 -4.10
C HIS B 275 -2.68 -3.73 -3.19
N ALA B 276 -1.82 -2.72 -3.19
CA ALA B 276 -0.54 -2.78 -2.51
C ALA B 276 -0.68 -3.03 -1.02
N SER B 277 0.21 -3.90 -0.52
CA SER B 277 0.33 -4.19 0.88
C SER B 277 1.85 -4.35 1.14
N HIS B 278 2.47 -3.34 1.75
CA HIS B 278 3.94 -3.31 1.94
C HIS B 278 4.31 -4.03 3.22
N ILE B 279 4.34 -5.35 3.17
CA ILE B 279 4.55 -6.19 4.36
C ILE B 279 5.94 -6.81 4.35
N SER B 280 6.45 -7.16 5.53
CA SER B 280 7.69 -7.97 5.61
C SER B 280 7.42 -9.44 5.95
N LYS B 281 6.43 -9.68 6.82
CA LYS B 281 5.95 -11.05 7.12
C LYS B 281 4.48 -11.21 6.73
N LEU B 282 4.02 -12.45 6.77
CA LEU B 282 2.66 -12.82 6.46
C LEU B 282 1.88 -13.07 7.72
N PRO B 283 0.53 -12.98 7.68
CA PRO B 283 -0.27 -13.48 8.81
C PRO B 283 0.12 -14.94 9.14
N LYS B 284 0.06 -15.33 10.40
CA LYS B 284 0.34 -16.73 10.79
C LYS B 284 -0.52 -17.71 9.99
N GLY B 285 0.10 -18.75 9.45
CA GLY B 285 -0.57 -19.71 8.56
C GLY B 285 -0.88 -19.33 7.09
N LYS B 286 -0.43 -18.15 6.62
CA LYS B 286 -0.41 -17.85 5.17
C LYS B 286 1.02 -18.05 4.68
N HIS B 287 1.22 -18.67 3.51
CA HIS B 287 2.59 -18.91 2.96
C HIS B 287 2.98 -18.09 1.71
N SER B 288 2.01 -17.41 1.10
CA SER B 288 2.27 -16.61 -0.09
C SER B 288 1.22 -15.56 -0.21
N VAL B 289 1.54 -14.50 -0.94
CA VAL B 289 0.55 -13.57 -1.41
C VAL B 289 0.21 -13.93 -2.86
N LYS B 290 -1.06 -13.79 -3.22
CA LYS B 290 -1.46 -13.78 -4.61
C LYS B 290 -2.05 -12.43 -4.89
N GLY B 291 -1.41 -11.67 -5.78
CA GLY B 291 -1.95 -10.42 -6.28
C GLY B 291 -2.91 -10.84 -7.36
N LEU B 292 -4.18 -10.51 -7.18
CA LEU B 292 -5.25 -11.00 -8.04
C LEU B 292 -5.29 -10.23 -9.34
N GLY B 293 -5.15 -10.93 -10.45
CA GLY B 293 -5.21 -10.31 -11.76
C GLY B 293 -6.62 -10.16 -12.31
N LYS B 294 -6.78 -9.15 -13.15
CA LYS B 294 -7.99 -8.95 -13.95
C LYS B 294 -8.22 -10.07 -14.97
N THR B 295 -7.13 -10.63 -15.49
CA THR B 295 -7.15 -11.75 -16.42
C THR B 295 -6.31 -12.88 -15.81
N THR B 296 -6.80 -14.12 -15.92
CA THR B 296 -6.17 -15.29 -15.28
C THR B 296 -6.10 -16.47 -16.25
N PRO B 297 -5.15 -17.40 -16.05
CA PRO B 297 -5.19 -18.59 -16.88
C PRO B 297 -6.47 -19.39 -16.62
N ASP B 298 -7.19 -19.70 -17.70
CA ASP B 298 -8.36 -20.58 -17.63
C ASP B 298 -8.04 -21.81 -16.75
N PRO B 299 -8.68 -21.91 -15.57
CA PRO B 299 -8.25 -22.94 -14.60
C PRO B 299 -8.57 -24.38 -15.00
N SER B 300 -9.53 -24.57 -15.91
CA SER B 300 -9.81 -25.90 -16.45
C SER B 300 -8.69 -26.45 -17.32
N ALA B 301 -7.82 -25.58 -17.86
CA ALA B 301 -6.68 -26.01 -18.69
C ALA B 301 -5.39 -26.39 -17.92
N ASN B 302 -5.42 -26.38 -16.58
CA ASN B 302 -4.27 -26.77 -15.75
C ASN B 302 -3.73 -28.18 -16.04
N ILE B 303 -2.41 -28.34 -15.83
CA ILE B 303 -1.68 -29.60 -16.11
C ILE B 303 -0.65 -29.88 -15.02
N SER B 304 -0.34 -31.17 -14.82
CA SER B 304 0.64 -31.62 -13.84
C SER B 304 1.95 -31.97 -14.54
N LEU B 305 3.06 -31.36 -14.11
CA LEU B 305 4.39 -31.69 -14.60
C LEU B 305 5.23 -32.06 -13.39
N ASP B 306 5.44 -33.37 -13.19
CA ASP B 306 6.22 -33.89 -12.06
C ASP B 306 5.62 -33.46 -10.70
N GLY B 307 4.30 -33.61 -10.59
CA GLY B 307 3.58 -33.28 -9.36
C GLY B 307 3.43 -31.80 -9.08
N VAL B 308 3.56 -30.95 -10.10
CA VAL B 308 3.40 -29.50 -9.96
C VAL B 308 2.35 -29.01 -10.95
N ASP B 309 1.47 -28.11 -10.51
CA ASP B 309 0.48 -27.49 -11.41
C ASP B 309 1.17 -26.51 -12.37
N VAL B 310 0.79 -26.57 -13.63
CA VAL B 310 1.27 -25.61 -14.64
C VAL B 310 0.03 -24.90 -15.19
N PRO B 311 -0.10 -23.59 -14.92
CA PRO B 311 -1.31 -22.89 -15.36
C PRO B 311 -1.14 -22.35 -16.78
N LEU B 312 -1.23 -23.24 -17.75
CA LEU B 312 -0.99 -22.88 -19.14
C LEU B 312 -2.29 -22.56 -19.92
N GLY B 313 -3.39 -22.34 -19.21
CA GLY B 313 -4.65 -21.92 -19.87
C GLY B 313 -4.53 -20.56 -20.53
N THR B 314 -5.30 -20.33 -21.60
CA THR B 314 -5.29 -19.02 -22.24
C THR B 314 -6.04 -18.03 -21.35
N GLY B 315 -5.85 -16.75 -21.63
CA GLY B 315 -6.37 -15.69 -20.77
C GLY B 315 -7.90 -15.63 -20.80
N ILE B 316 -8.51 -15.62 -19.61
CA ILE B 316 -9.94 -15.32 -19.42
C ILE B 316 -10.16 -14.38 -18.22
N SER B 317 -11.33 -13.73 -18.19
CA SER B 317 -11.72 -12.84 -17.09
C SER B 317 -11.77 -13.62 -15.77
N SER B 318 -11.13 -13.08 -14.73
CA SER B 318 -11.06 -13.72 -13.39
C SER B 318 -12.36 -13.58 -12.59
N GLY B 319 -13.18 -12.59 -12.95
CA GLY B 319 -14.38 -12.25 -12.20
C GLY B 319 -14.06 -11.58 -10.87
N VAL B 320 -13.03 -10.71 -10.86
CA VAL B 320 -12.62 -9.94 -9.69
C VAL B 320 -12.75 -8.47 -10.04
N ASN B 321 -13.42 -7.74 -9.15
CA ASN B 321 -13.96 -6.40 -9.43
C ASN B 321 -12.93 -5.26 -9.37
N ASP B 322 -12.58 -4.85 -8.15
CA ASP B 322 -11.66 -3.73 -7.93
C ASP B 322 -10.28 -4.32 -7.75
N THR B 323 -9.38 -4.06 -8.69
CA THR B 323 -8.00 -4.53 -8.57
C THR B 323 -7.04 -3.61 -9.31
N SER B 324 -5.85 -3.46 -8.74
CA SER B 324 -4.77 -2.67 -9.33
C SER B 324 -4.01 -3.44 -10.43
N LEU B 325 -4.25 -4.75 -10.54
CA LEU B 325 -3.42 -5.65 -11.32
C LEU B 325 -4.13 -6.20 -12.56
N LEU B 326 -3.51 -5.95 -13.72
CA LEU B 326 -3.98 -6.55 -14.96
C LEU B 326 -3.87 -8.07 -14.92
N TYR B 327 -2.73 -8.60 -14.44
CA TYR B 327 -2.50 -10.07 -14.40
C TYR B 327 -2.07 -10.51 -13.04
N ASN B 328 -2.17 -11.82 -12.80
CA ASN B 328 -1.79 -12.40 -11.52
C ASN B 328 -0.32 -12.15 -11.13
N GLU B 329 0.02 -12.51 -9.91
CA GLU B 329 1.30 -12.21 -9.33
C GLU B 329 1.37 -13.03 -8.05
N TYR B 330 2.51 -13.64 -7.78
CA TYR B 330 2.69 -14.50 -6.63
C TYR B 330 3.97 -14.11 -5.94
N ILE B 331 3.92 -14.05 -4.60
CA ILE B 331 5.07 -13.66 -3.81
C ILE B 331 5.23 -14.56 -2.61
N VAL B 332 6.46 -14.99 -2.37
CA VAL B 332 6.83 -15.72 -1.15
C VAL B 332 7.88 -14.93 -0.41
N TYR B 333 7.91 -15.14 0.92
CA TYR B 333 8.69 -14.32 1.84
C TYR B 333 9.73 -15.13 2.60
N ASP B 334 10.02 -16.34 2.13
CA ASP B 334 11.10 -17.19 2.62
C ASP B 334 11.71 -17.82 1.36
N ILE B 335 13.03 -17.75 1.24
CA ILE B 335 13.74 -18.23 0.04
C ILE B 335 13.62 -19.77 -0.15
N ALA B 336 13.46 -20.48 0.97
CA ALA B 336 13.32 -21.93 0.92
C ALA B 336 12.08 -22.42 0.18
N GLN B 337 11.09 -21.56 -0.04
CA GLN B 337 9.87 -21.92 -0.78
C GLN B 337 10.00 -21.99 -2.32
N VAL B 338 11.21 -21.82 -2.85
CA VAL B 338 11.44 -21.78 -4.30
C VAL B 338 12.44 -22.88 -4.69
N ASN B 339 12.10 -23.67 -5.72
CA ASN B 339 13.04 -24.62 -6.35
C ASN B 339 13.08 -24.34 -7.86
N LEU B 340 14.20 -23.79 -8.34
CA LEU B 340 14.35 -23.36 -9.73
C LEU B 340 14.52 -24.60 -10.55
N LYS B 341 13.71 -24.74 -11.61
CA LYS B 341 13.65 -25.99 -12.36
C LYS B 341 14.19 -25.83 -13.79
N TYR B 342 13.74 -24.80 -14.51
CA TYR B 342 14.22 -24.54 -15.87
C TYR B 342 14.67 -23.11 -16.12
N LEU B 343 15.61 -22.96 -17.06
CA LEU B 343 16.02 -21.66 -17.56
C LEU B 343 15.80 -21.61 -19.09
N LEU B 344 15.01 -20.63 -19.53
CA LEU B 344 14.65 -20.48 -20.94
C LEU B 344 15.40 -19.32 -21.58
N LYS B 345 15.98 -19.56 -22.75
CA LYS B 345 16.52 -18.50 -23.57
C LYS B 345 15.50 -18.19 -24.64
N LEU B 346 15.16 -16.92 -24.76
CA LEU B 346 14.04 -16.46 -25.57
C LEU B 346 14.46 -15.38 -26.54
N LYS B 347 13.98 -15.47 -27.77
CA LYS B 347 14.17 -14.41 -28.74
C LYS B 347 12.89 -13.59 -28.71
N PHE B 348 13.05 -12.31 -28.43
CA PHE B 348 11.96 -11.32 -28.50
C PHE B 348 11.93 -10.71 -29.92
N ASN B 349 10.86 -10.94 -30.68
CA ASN B 349 10.69 -10.32 -32.00
C ASN B 349 9.72 -9.11 -31.90
N PHE B 350 10.29 -7.90 -31.85
CA PHE B 350 9.52 -6.66 -31.69
C PHE B 350 8.75 -6.30 -32.97
N LYS B 351 7.56 -5.73 -32.80
CA LYS B 351 6.61 -5.59 -33.90
C LYS B 351 6.55 -4.19 -34.50
N THR B 352 6.46 -3.18 -33.63
CA THR B 352 6.34 -1.78 -34.07
C THR B 352 7.65 -1.28 -34.71
#